data_4FCY
#
_entry.id   4FCY
#
_cell.length_a   196.138
_cell.length_b   196.138
_cell.length_c   349.980
_cell.angle_alpha   90.00
_cell.angle_beta   90.00
_cell.angle_gamma   90.00
#
_symmetry.space_group_name_H-M   'I 41 2 2'
#
loop_
_entity.id
_entity.type
_entity.pdbx_description
1 polymer Transposase
2 polymer 'DNA (68-MER)'
3 polymer 'DNA (13-MER)'
4 polymer 'DNA (49-MER)'
#
loop_
_entity_poly.entity_id
_entity_poly.type
_entity_poly.pdbx_seq_one_letter_code
_entity_poly.pdbx_strand_id
1 'polypeptide(L)'
;IARPTLEAHDYDREALWSKWDNASDSQRRLAEKWLPAVQAADEMLNQGISTKTAFATVAGHYQVSASTLRDKYYQVQKFA
KPDWAAALVDGRGASRRNVHKSEFDEDAWQFLIADYLRPEKPAFRKCYERLELAAREHGWSIPSRATAFRRIQQLDEAMV
VACREGEHALMHLIPAQQRTVEHLDAMQWINGDGYLHNVFVRWFNGDVIRPKTWFWQDVKTRKILGWRCDVSENIDSIRL
SFMDVVTRYGIPEDFHITIDNTRGAANKWLTGGAPNRYRFKVKEDDPKGLFLLMGAKMHWTSVVAGKGWGQAKPVERAFG
VGGLEEYVDKHPALAGAYTGPNPQAKPDNYGDRAVDAELFLKTLAEGVAMFNARTGRETEMCGGKLSFDDVFEREYARTI
VRKPTEEQKRMLLLPAEAVNVSRKGEFTLKVGGSLKGAKNVYYNLALMLAGVKKVVVRFDPQQLHSTVYCYTLDGRFICE
AECLAPVAFNDAAAGREYRRRQKQLKSATKAAIKAQKQMDALEVAELLP
;
A,B
2 'polydeoxyribonucleotide'
;(DG)(DT)(DT)(DT)(DT)(DC)(DG)(DC)(DA)(DT)(DT)(DT)(DA)(DT)(DC)(DG)(DT)(DG)(DA)(DA)
(DA)(DC)(DG)(DC)(DT)(DT)(DT)(DC)(DG)(DC)(DG)(DT)(DT)(DT)(DT)(DT)(DC)(DG)(DT)(DG)
(DC)(DG)(DC)(DC)(DG)(DC)(DT)(DT)(DC)(DA)(DT)(DC)(DT)(DG)(DA)(DT)(DG)(DT)(DG)(DT)
(DT)(DG)(DT)(DT)(DG)(DA)(DC)(DG)
;
C
3 'polydeoxyribonucleotide' (DC)(DG)(DT)(DC)(DA)(DA)(DC)(DA)(DA)(DC)(DA)(DC)(DA) E
4 'polydeoxyribonucleotide'
;(DG)(DA)(DA)(DG)(DC)(DG)(DG)(DC)(DG)(DC)(DA)(DC)(DG)(DA)(DA)(DA)(DA)(DA)(DC)(DG)
(DC)(DG)(DA)(DA)(DA)(DG)(DC)(DG)(DT)(DT)(DT)(DC)(DA)(DC)(DG)(DA)(DT)(DA)(DA)(DA)
(DT)(DG)(DC)(DG)(DA)(DA)(DA)(DA)(DC)
;
D
#
loop_
_chem_comp.id
_chem_comp.type
_chem_comp.name
_chem_comp.formula
DA DNA linking 2'-DEOXYADENOSINE-5'-MONOPHOSPHATE 'C10 H14 N5 O6 P'
DC DNA linking 2'-DEOXYCYTIDINE-5'-MONOPHOSPHATE 'C9 H14 N3 O7 P'
DG DNA linking 2'-DEOXYGUANOSINE-5'-MONOPHOSPHATE 'C10 H14 N5 O7 P'
DT DNA linking THYMIDINE-5'-MONOPHOSPHATE 'C10 H15 N2 O8 P'
#
# COMPACT_ATOMS: atom_id res chain seq x y z
N ASP A 12 -22.19 9.96 -9.07
CA ASP A 12 -20.83 9.63 -8.68
C ASP A 12 -20.69 9.36 -7.18
N ARG A 13 -20.16 8.19 -6.88
CA ARG A 13 -19.98 7.71 -5.52
C ARG A 13 -18.57 7.99 -5.02
N GLU A 14 -17.76 8.64 -5.85
CA GLU A 14 -16.41 8.98 -5.43
C GLU A 14 -16.41 9.99 -4.26
N ALA A 15 -17.19 11.05 -4.39
CA ALA A 15 -17.25 12.10 -3.36
C ALA A 15 -17.91 11.57 -2.08
N LEU A 16 -18.91 10.72 -2.26
CA LEU A 16 -19.62 10.09 -1.15
C LEU A 16 -18.70 9.14 -0.39
N TRP A 17 -17.98 8.30 -1.13
CA TRP A 17 -17.07 7.34 -0.53
C TRP A 17 -15.86 8.01 0.09
N SER A 18 -15.47 9.16 -0.43
CA SER A 18 -14.39 9.95 0.15
C SER A 18 -14.89 10.63 1.41
N LYS A 19 -16.19 10.89 1.46
CA LYS A 19 -16.80 11.45 2.67
C LYS A 19 -16.93 10.39 3.76
N TRP A 20 -17.18 9.16 3.35
CA TRP A 20 -17.20 8.03 4.26
C TRP A 20 -15.80 7.79 4.79
N ASP A 21 -14.86 7.82 3.87
CA ASP A 21 -13.46 7.57 4.14
C ASP A 21 -12.92 8.61 5.12
N ASN A 22 -13.17 9.88 4.83
CA ASN A 22 -12.67 10.98 5.65
C ASN A 22 -13.36 11.09 7.02
N ALA A 23 -14.38 10.28 7.24
CA ALA A 23 -15.16 10.37 8.47
C ALA A 23 -14.39 9.86 9.67
N SER A 24 -14.77 10.35 10.84
CA SER A 24 -14.13 9.96 12.08
C SER A 24 -14.53 8.54 12.44
N ASP A 25 -13.75 7.88 13.29
CA ASP A 25 -14.05 6.52 13.72
C ASP A 25 -15.40 6.54 14.42
N SER A 26 -15.65 7.59 15.22
CA SER A 26 -16.91 7.72 15.95
C SER A 26 -18.08 7.81 14.98
N GLN A 27 -17.89 8.53 13.87
CA GLN A 27 -18.90 8.73 12.84
C GLN A 27 -19.21 7.44 12.09
N ARG A 28 -18.15 6.70 11.77
CA ARG A 28 -18.29 5.43 11.09
C ARG A 28 -19.04 4.48 12.04
N ARG A 29 -18.71 4.55 13.33
CA ARG A 29 -19.35 3.74 14.37
C ARG A 29 -20.85 4.07 14.41
N LEU A 30 -21.17 5.36 14.31
CA LEU A 30 -22.54 5.85 14.29
C LEU A 30 -23.30 5.25 13.11
N ALA A 31 -22.68 5.29 11.94
CA ALA A 31 -23.28 4.70 10.74
C ALA A 31 -23.51 3.20 10.95
N GLU A 32 -22.53 2.53 11.55
CA GLU A 32 -22.59 1.09 11.81
C GLU A 32 -23.77 0.78 12.72
N LYS A 33 -23.97 1.64 13.72
CA LYS A 33 -25.07 1.47 14.66
C LYS A 33 -26.42 1.69 13.96
N TRP A 34 -26.46 2.65 13.05
CA TRP A 34 -27.72 2.95 12.36
C TRP A 34 -28.07 2.07 11.17
N LEU A 35 -27.13 1.25 10.72
CA LEU A 35 -27.38 0.38 9.55
C LEU A 35 -28.34 -0.83 9.76
N PRO A 36 -28.16 -1.63 10.83
CA PRO A 36 -29.05 -2.79 11.03
C PRO A 36 -30.50 -2.41 11.29
N ALA A 37 -30.74 -1.20 11.78
CA ALA A 37 -32.09 -0.74 12.08
C ALA A 37 -32.83 -0.40 10.78
N VAL A 38 -32.13 0.27 9.85
CA VAL A 38 -32.71 0.64 8.56
C VAL A 38 -32.95 -0.61 7.72
N GLN A 39 -32.00 -1.55 7.75
CA GLN A 39 -32.12 -2.78 6.98
C GLN A 39 -33.25 -3.66 7.50
N ALA A 40 -33.35 -3.79 8.83
CA ALA A 40 -34.39 -4.60 9.45
C ALA A 40 -35.75 -4.02 9.14
N ALA A 41 -35.84 -2.69 9.16
CA ALA A 41 -37.08 -1.99 8.86
C ALA A 41 -37.57 -2.32 7.46
N ASP A 42 -36.62 -2.41 6.53
CA ASP A 42 -36.90 -2.68 5.13
C ASP A 42 -37.60 -4.03 4.99
N GLU A 43 -37.14 -5.01 5.77
CA GLU A 43 -37.69 -6.36 5.76
C GLU A 43 -39.15 -6.39 6.19
N MET A 44 -39.52 -5.57 7.18
CA MET A 44 -40.88 -5.55 7.69
C MET A 44 -41.84 -4.98 6.66
N LEU A 45 -41.41 -3.92 5.97
CA LEU A 45 -42.23 -3.28 4.94
C LEU A 45 -42.42 -4.21 3.75
N ASN A 46 -41.38 -4.98 3.43
CA ASN A 46 -41.42 -5.94 2.33
C ASN A 46 -42.52 -6.96 2.62
N GLN A 47 -42.63 -7.33 3.89
CA GLN A 47 -43.63 -8.29 4.35
C GLN A 47 -45.01 -7.61 4.38
N GLY A 48 -45.04 -6.33 4.03
CA GLY A 48 -46.27 -5.56 3.99
C GLY A 48 -46.82 -5.23 5.36
N ILE A 49 -45.92 -5.09 6.33
CA ILE A 49 -46.34 -4.75 7.69
C ILE A 49 -46.65 -3.25 7.74
N SER A 50 -47.67 -2.91 8.50
CA SER A 50 -48.08 -1.52 8.68
C SER A 50 -46.86 -0.73 9.11
N THR A 51 -46.73 0.49 8.60
CA THR A 51 -45.58 1.33 8.94
C THR A 51 -45.53 1.54 10.46
N LYS A 52 -46.70 1.76 11.06
CA LYS A 52 -46.82 1.97 12.51
C LYS A 52 -46.25 0.82 13.32
N THR A 53 -46.67 -0.40 13.01
CA THR A 53 -46.22 -1.59 13.73
C THR A 53 -44.71 -1.82 13.53
N ALA A 54 -44.25 -1.63 12.30
CA ALA A 54 -42.83 -1.79 11.97
C ALA A 54 -41.94 -0.83 12.75
N PHE A 55 -42.27 0.46 12.74
CA PHE A 55 -41.48 1.46 13.45
C PHE A 55 -41.59 1.31 14.95
N ALA A 56 -42.78 0.99 15.43
CA ALA A 56 -42.99 0.77 16.85
C ALA A 56 -42.09 -0.38 17.30
N THR A 57 -42.08 -1.46 16.51
CA THR A 57 -41.27 -2.62 16.83
C THR A 57 -39.77 -2.30 16.82
N VAL A 58 -39.30 -1.59 15.78
CA VAL A 58 -37.88 -1.23 15.70
C VAL A 58 -37.46 -0.27 16.82
N ALA A 59 -38.27 0.74 17.08
CA ALA A 59 -38.00 1.71 18.13
C ALA A 59 -38.07 1.02 19.48
N GLY A 60 -38.87 -0.04 19.56
CA GLY A 60 -38.99 -0.83 20.77
C GLY A 60 -37.76 -1.68 21.06
N HIS A 61 -37.32 -2.45 20.06
CA HIS A 61 -36.14 -3.31 20.22
C HIS A 61 -34.86 -2.50 20.27
N TYR A 62 -34.74 -1.55 19.35
CA TYR A 62 -33.58 -0.69 19.24
C TYR A 62 -33.97 0.63 19.89
N GLN A 63 -33.09 1.24 20.68
CA GLN A 63 -33.51 2.51 21.28
C GLN A 63 -33.20 3.60 20.26
N VAL A 64 -34.24 4.03 19.55
CA VAL A 64 -34.16 5.08 18.52
C VAL A 64 -35.50 5.79 18.32
N SER A 65 -35.46 7.02 17.83
CA SER A 65 -36.69 7.74 17.53
C SER A 65 -37.27 7.14 16.26
N ALA A 66 -38.55 6.78 16.27
CA ALA A 66 -39.19 6.23 15.09
C ALA A 66 -39.15 7.23 13.94
N SER A 67 -39.36 8.51 14.26
CA SER A 67 -39.39 9.57 13.25
C SER A 67 -38.06 9.73 12.53
N THR A 68 -36.97 9.60 13.28
CA THR A 68 -35.64 9.74 12.74
C THR A 68 -35.40 8.59 11.77
N LEU A 69 -35.71 7.36 12.19
CA LEU A 69 -35.49 6.17 11.36
C LEU A 69 -36.29 6.29 10.07
N ARG A 70 -37.53 6.75 10.17
CA ARG A 70 -38.36 6.92 8.97
C ARG A 70 -37.73 7.92 7.99
N ASP A 71 -37.36 9.07 8.54
CA ASP A 71 -36.80 10.14 7.72
C ASP A 71 -35.50 9.71 7.03
N LYS A 72 -34.64 9.02 7.79
CA LYS A 72 -33.36 8.57 7.26
C LYS A 72 -33.58 7.47 6.22
N TYR A 73 -34.58 6.62 6.42
CA TYR A 73 -34.87 5.55 5.46
C TYR A 73 -35.22 6.19 4.12
N TYR A 74 -36.05 7.24 4.16
CA TYR A 74 -36.42 7.89 2.91
C TYR A 74 -35.20 8.57 2.29
N GLN A 75 -34.33 9.12 3.15
CA GLN A 75 -33.14 9.79 2.63
C GLN A 75 -32.20 8.81 1.91
N VAL A 76 -31.98 7.62 2.47
CA VAL A 76 -31.08 6.62 1.89
C VAL A 76 -31.74 5.81 0.78
N GLN A 77 -33.05 5.96 0.63
CA GLN A 77 -33.78 5.23 -0.40
C GLN A 77 -33.22 5.48 -1.81
N LYS A 78 -32.83 6.73 -2.10
CA LYS A 78 -32.32 7.10 -3.43
C LYS A 78 -30.89 6.63 -3.66
N PHE A 79 -30.24 6.18 -2.60
CA PHE A 79 -28.87 5.70 -2.74
C PHE A 79 -28.83 4.18 -2.78
N ALA A 80 -27.92 3.65 -3.57
CA ALA A 80 -27.71 2.22 -3.65
C ALA A 80 -27.36 1.66 -2.28
N LYS A 81 -27.75 0.42 -2.03
CA LYS A 81 -27.58 -0.22 -0.73
C LYS A 81 -26.14 -0.37 -0.19
N PRO A 82 -25.16 -0.65 -1.08
CA PRO A 82 -23.79 -0.70 -0.55
C PRO A 82 -23.26 0.66 -0.08
N ASP A 83 -23.79 1.76 -0.60
CA ASP A 83 -23.32 3.09 -0.23
C ASP A 83 -24.15 3.79 0.86
N TRP A 84 -25.14 3.09 1.40
CA TRP A 84 -25.98 3.62 2.48
C TRP A 84 -25.16 4.00 3.72
N ALA A 85 -24.04 3.31 3.93
CA ALA A 85 -23.13 3.62 5.04
C ALA A 85 -22.52 5.01 4.87
N ALA A 86 -21.94 5.21 3.68
CA ALA A 86 -21.36 6.49 3.31
C ALA A 86 -22.41 7.59 3.37
N ALA A 87 -23.67 7.21 3.14
CA ALA A 87 -24.77 8.15 3.33
C ALA A 87 -24.98 8.50 4.80
N LEU A 88 -24.92 7.50 5.68
CA LEU A 88 -25.14 7.70 7.12
C LEU A 88 -24.05 8.56 7.76
N VAL A 89 -22.83 8.43 7.26
CA VAL A 89 -21.72 9.25 7.77
C VAL A 89 -21.96 10.74 7.61
N SER A 102 -10.26 33.72 4.65
CA SER A 102 -9.15 34.59 5.01
C SER A 102 -8.92 35.67 3.95
N GLU A 103 -9.67 36.78 4.04
CA GLU A 103 -9.48 37.91 3.13
C GLU A 103 -8.72 39.03 3.82
N PHE A 104 -7.46 39.21 3.41
CA PHE A 104 -6.59 40.23 3.97
C PHE A 104 -5.61 40.71 2.91
N ASP A 105 -4.97 41.84 3.18
CA ASP A 105 -4.07 42.46 2.22
C ASP A 105 -3.02 41.47 1.76
N GLU A 106 -2.99 41.25 0.45
CA GLU A 106 -2.03 40.35 -0.18
C GLU A 106 -0.64 40.95 -0.02
N ASP A 107 -0.55 42.28 -0.01
CA ASP A 107 0.73 42.97 0.13
C ASP A 107 1.43 42.63 1.45
N ALA A 108 0.64 42.53 2.52
CA ALA A 108 1.17 42.22 3.85
C ALA A 108 1.59 40.75 3.89
N TRP A 109 0.74 39.88 3.35
CA TRP A 109 1.03 38.45 3.32
C TRP A 109 2.34 38.21 2.54
N GLN A 110 2.43 38.84 1.37
CA GLN A 110 3.61 38.75 0.51
C GLN A 110 4.83 39.31 1.25
N PHE A 111 4.63 40.39 2.00
CA PHE A 111 5.71 41.03 2.75
C PHE A 111 6.29 40.02 3.76
N LEU A 112 5.41 39.39 4.54
CA LEU A 112 5.82 38.40 5.53
C LEU A 112 6.53 37.20 4.92
N ILE A 113 5.96 36.65 3.86
CA ILE A 113 6.55 35.48 3.21
C ILE A 113 7.92 35.87 2.68
N ALA A 114 8.01 37.07 2.15
CA ALA A 114 9.27 37.58 1.63
C ALA A 114 10.31 37.65 2.73
N ASP A 115 9.87 38.04 3.94
CA ASP A 115 10.79 38.17 5.06
C ASP A 115 11.31 36.85 5.61
N TYR A 116 10.41 35.88 5.77
CA TYR A 116 10.79 34.57 6.29
C TYR A 116 11.74 33.77 5.37
N LEU A 117 11.59 33.97 4.07
CA LEU A 117 12.35 33.20 3.09
C LEU A 117 13.77 33.72 2.90
N ARG A 118 14.12 34.75 3.66
CA ARG A 118 15.44 35.33 3.56
C ARG A 118 16.33 34.37 4.34
N PRO A 119 17.61 34.24 3.95
CA PRO A 119 18.53 33.32 4.64
C PRO A 119 18.63 33.67 6.11
N GLU A 120 18.25 34.90 6.43
CA GLU A 120 18.23 35.42 7.79
C GLU A 120 17.33 34.55 8.62
N LYS A 121 16.12 34.35 8.11
CA LYS A 121 15.12 33.51 8.74
C LYS A 121 14.89 34.02 10.16
N PRO A 122 14.35 35.25 10.29
CA PRO A 122 14.10 35.80 11.63
C PRO A 122 13.03 35.02 12.38
N ALA A 123 12.91 35.30 13.68
CA ALA A 123 11.92 34.64 14.53
C ALA A 123 10.55 35.01 14.00
N PHE A 124 9.63 34.05 13.98
CA PHE A 124 8.29 34.29 13.45
C PHE A 124 7.50 35.37 14.17
N ARG A 125 7.48 35.36 15.50
CA ARG A 125 6.74 36.36 16.26
C ARG A 125 7.27 37.77 16.03
N LYS A 126 8.58 37.90 15.98
CA LYS A 126 9.23 39.21 15.79
C LYS A 126 9.04 39.69 14.33
N CYS A 127 9.24 38.81 13.37
CA CYS A 127 9.06 39.16 11.95
C CYS A 127 7.62 39.62 11.80
N TYR A 128 6.72 38.96 12.53
CA TYR A 128 5.30 39.31 12.57
C TYR A 128 5.11 40.71 13.14
N GLU A 129 5.82 41.02 14.22
CA GLU A 129 5.70 42.34 14.84
C GLU A 129 6.14 43.43 13.84
N ARG A 130 7.21 43.13 13.10
CA ARG A 130 7.72 44.07 12.10
C ARG A 130 6.66 44.27 11.04
N LEU A 131 6.01 43.17 10.68
CA LEU A 131 4.94 43.18 9.72
C LEU A 131 3.82 44.05 10.24
N GLU A 132 3.57 44.00 11.55
CA GLU A 132 2.53 44.83 12.17
C GLU A 132 2.86 46.31 12.00
N LEU A 133 4.14 46.68 12.14
CA LEU A 133 4.57 48.06 11.96
C LEU A 133 4.33 48.49 10.50
N ALA A 134 4.68 47.63 9.56
CA ALA A 134 4.50 47.94 8.15
C ALA A 134 3.00 48.05 7.85
N ALA A 135 2.22 47.12 8.40
CA ALA A 135 0.78 47.10 8.25
C ALA A 135 0.18 48.38 8.81
N ARG A 136 0.77 48.89 9.88
CA ARG A 136 0.34 50.13 10.52
C ARG A 136 0.57 51.28 9.55
N GLU A 137 1.78 51.31 8.98
CA GLU A 137 2.20 52.36 8.07
C GLU A 137 1.32 52.38 6.80
N HIS A 138 1.03 51.18 6.28
CA HIS A 138 0.21 51.00 5.08
C HIS A 138 -1.27 50.78 5.36
N GLY A 139 -1.62 50.59 6.64
CA GLY A 139 -2.99 50.33 7.05
C GLY A 139 -3.53 48.95 6.70
N TRP A 140 -2.63 47.96 6.61
CA TRP A 140 -3.03 46.59 6.25
C TRP A 140 -3.76 45.87 7.38
N SER A 141 -4.77 45.07 7.00
CA SER A 141 -5.48 44.22 7.95
C SER A 141 -4.81 42.85 7.96
N ILE A 142 -4.10 42.53 9.03
CA ILE A 142 -3.40 41.26 9.15
C ILE A 142 -4.22 40.16 9.84
N PRO A 143 -4.02 38.89 9.44
CA PRO A 143 -4.67 37.76 10.10
C PRO A 143 -3.94 37.38 11.41
N SER A 144 -4.52 36.47 12.18
CA SER A 144 -3.94 35.99 13.44
C SER A 144 -2.58 35.31 13.29
N ARG A 145 -1.68 35.48 14.26
CA ARG A 145 -0.35 34.86 14.22
C ARG A 145 -0.45 33.37 13.99
N ALA A 146 -1.41 32.75 14.66
CA ALA A 146 -1.67 31.32 14.52
C ALA A 146 -2.05 30.96 13.10
N THR A 147 -2.87 31.82 12.48
CA THR A 147 -3.34 31.63 11.12
C THR A 147 -2.17 31.76 10.15
N ALA A 148 -1.33 32.76 10.44
CA ALA A 148 -0.19 33.06 9.61
C ALA A 148 0.75 31.86 9.61
N PHE A 149 1.18 31.43 10.80
CA PHE A 149 2.07 30.29 10.91
C PHE A 149 1.45 29.02 10.33
N ARG A 150 0.17 28.82 10.59
CA ARG A 150 -0.56 27.66 10.09
C ARG A 150 -0.34 27.63 8.57
N ARG A 151 -0.58 28.77 7.93
CA ARG A 151 -0.41 28.90 6.49
C ARG A 151 1.05 28.70 6.07
N ILE A 152 1.98 29.08 6.94
CA ILE A 152 3.41 28.87 6.68
C ILE A 152 3.68 27.37 6.63
N GLN A 153 2.99 26.60 7.46
CA GLN A 153 3.12 25.14 7.47
C GLN A 153 2.54 24.59 6.17
N GLN A 154 1.43 25.19 5.76
CA GLN A 154 0.71 24.78 4.56
C GLN A 154 1.45 25.14 3.26
N LEU A 155 2.43 26.04 3.32
CA LEU A 155 3.16 26.43 2.11
C LEU A 155 3.83 25.23 1.40
N ASP A 156 4.97 24.78 1.92
CA ASP A 156 5.68 23.62 1.35
C ASP A 156 6.94 23.25 2.10
N GLU A 157 7.34 21.99 1.93
CA GLU A 157 8.59 21.52 2.49
C GLU A 157 9.73 22.18 1.70
N ALA A 158 9.51 22.31 0.39
CA ALA A 158 10.48 22.88 -0.53
C ALA A 158 10.83 24.35 -0.31
N MET A 159 9.90 25.15 0.19
CA MET A 159 10.13 26.58 0.44
C MET A 159 11.19 26.87 1.49
N VAL A 160 11.22 26.06 2.55
CA VAL A 160 12.20 26.22 3.61
C VAL A 160 13.57 26.02 3.00
N VAL A 161 13.66 25.05 2.10
CA VAL A 161 14.89 24.74 1.40
C VAL A 161 15.18 25.88 0.43
N ALA A 162 14.12 26.49 -0.09
CA ALA A 162 14.24 27.62 -1.02
C ALA A 162 15.00 28.70 -0.28
N CYS A 163 14.70 28.83 1.00
CA CYS A 163 15.33 29.84 1.84
C CYS A 163 16.81 29.47 2.07
N ARG A 164 17.07 28.23 2.46
CA ARG A 164 18.45 27.77 2.70
C ARG A 164 19.20 26.89 1.66
N GLU A 165 18.54 26.53 0.55
CA GLU A 165 19.13 25.65 -0.47
C GLU A 165 19.61 24.30 0.11
N GLY A 166 18.94 23.83 1.15
CA GLY A 166 19.36 22.67 1.91
C GLY A 166 19.16 21.26 1.36
N GLU A 167 17.96 20.93 0.90
CA GLU A 167 17.67 19.56 0.45
C GLU A 167 18.51 19.19 -0.78
N HIS A 168 18.88 20.18 -1.58
CA HIS A 168 19.69 19.92 -2.76
C HIS A 168 21.07 19.41 -2.38
N ALA A 169 21.54 19.78 -1.19
CA ALA A 169 22.82 19.31 -0.67
C ALA A 169 22.74 17.87 -0.18
N LEU A 170 21.53 17.45 0.21
CA LEU A 170 21.31 16.07 0.63
C LEU A 170 20.84 15.20 -0.53
N MET A 171 19.57 15.40 -0.92
CA MET A 171 18.91 14.59 -1.97
C MET A 171 19.13 13.09 -1.86
N GLU A 182 23.64 -9.82 -8.72
CA GLU A 182 24.84 -10.63 -8.90
C GLU A 182 25.49 -10.93 -7.54
N HIS A 183 26.38 -11.94 -7.52
CA HIS A 183 27.11 -12.34 -6.34
C HIS A 183 28.43 -11.58 -6.22
N LEU A 184 28.68 -11.02 -5.04
CA LEU A 184 29.90 -10.27 -4.77
C LEU A 184 30.90 -11.12 -3.98
N ASP A 185 32.03 -11.44 -4.60
CA ASP A 185 33.11 -12.15 -3.92
C ASP A 185 33.92 -11.22 -3.02
N ALA A 186 34.63 -11.81 -2.05
CA ALA A 186 35.58 -11.05 -1.24
C ALA A 186 36.70 -10.62 -2.17
N MET A 187 37.12 -9.36 -2.02
CA MET A 187 38.18 -8.74 -2.82
C MET A 187 37.72 -8.31 -4.23
N GLN A 188 36.51 -8.71 -4.63
CA GLN A 188 35.98 -8.37 -5.94
C GLN A 188 35.64 -6.87 -6.09
N TRP A 189 35.18 -6.27 -5.00
CA TRP A 189 34.84 -4.84 -5.00
C TRP A 189 35.38 -4.18 -3.74
N ILE A 190 36.31 -3.22 -3.90
CA ILE A 190 36.84 -2.52 -2.74
C ILE A 190 36.57 -1.01 -2.78
N ASN A 191 36.29 -0.42 -1.64
CA ASN A 191 36.02 1.00 -1.54
C ASN A 191 37.17 1.76 -0.85
N GLY A 192 37.61 2.86 -1.46
CA GLY A 192 38.63 3.68 -0.85
C GLY A 192 38.08 4.89 -0.14
N ASP A 193 38.50 5.15 1.10
CA ASP A 193 37.99 6.33 1.80
C ASP A 193 39.10 7.01 2.59
N GLY A 194 38.98 8.32 2.82
CA GLY A 194 40.00 9.02 3.57
C GLY A 194 39.51 9.48 4.93
N TYR A 195 40.44 9.82 5.82
CA TYR A 195 40.08 10.28 7.17
C TYR A 195 41.10 11.28 7.69
N LEU A 196 40.59 12.42 8.15
CA LEU A 196 41.40 13.45 8.75
C LEU A 196 41.37 13.27 10.28
N HIS A 197 42.54 13.03 10.88
CA HIS A 197 42.67 12.81 12.32
C HIS A 197 42.60 14.10 13.14
N ASN A 198 42.00 14.03 14.31
CA ASN A 198 41.84 15.17 15.21
C ASN A 198 42.94 15.15 16.28
N VAL A 199 43.85 14.21 16.12
CA VAL A 199 44.94 14.01 17.06
C VAL A 199 46.19 14.72 16.53
N PHE A 200 46.90 15.41 17.40
CA PHE A 200 48.13 16.08 16.99
C PHE A 200 49.31 15.13 17.16
N VAL A 201 50.05 14.94 16.06
CA VAL A 201 51.16 14.01 16.03
C VAL A 201 52.43 14.73 15.60
N ARG A 202 53.55 14.43 16.26
CA ARG A 202 54.83 15.01 15.87
C ARG A 202 55.45 14.04 14.85
N TRP A 203 55.49 14.48 13.60
CA TRP A 203 55.97 13.64 12.51
C TRP A 203 57.49 13.42 12.50
N PHE A 204 57.96 12.60 11.56
CA PHE A 204 59.38 12.27 11.42
C PHE A 204 60.28 13.46 11.12
N ASN A 205 59.73 14.52 10.56
CA ASN A 205 60.49 15.73 10.27
C ASN A 205 60.45 16.77 11.39
N GLY A 206 59.83 16.39 12.50
CA GLY A 206 59.74 17.25 13.67
C GLY A 206 58.51 18.14 13.77
N ASP A 207 57.83 18.35 12.64
CA ASP A 207 56.64 19.19 12.61
C ASP A 207 55.46 18.52 13.31
N VAL A 208 54.65 19.32 14.00
CA VAL A 208 53.44 18.81 14.66
C VAL A 208 52.27 19.03 13.72
N ILE A 209 51.69 17.94 13.23
CA ILE A 209 50.57 18.05 12.30
C ILE A 209 49.42 17.09 12.65
N ARG A 210 48.33 17.22 11.90
CA ARG A 210 47.21 16.30 12.05
C ARG A 210 47.25 15.41 10.81
N PRO A 211 47.58 14.12 11.02
CA PRO A 211 47.71 13.16 9.93
C PRO A 211 46.42 12.82 9.17
N LYS A 212 46.57 12.41 7.91
CA LYS A 212 45.43 12.01 7.09
C LYS A 212 45.73 10.61 6.60
N THR A 213 44.81 9.69 6.81
CA THR A 213 45.06 8.31 6.40
C THR A 213 44.02 7.84 5.38
N TRP A 214 44.47 7.10 4.37
CA TRP A 214 43.58 6.54 3.35
C TRP A 214 43.47 5.04 3.57
N PHE A 215 42.24 4.52 3.53
CA PHE A 215 41.99 3.09 3.77
C PHE A 215 41.26 2.43 2.61
N TRP A 216 41.60 1.17 2.38
CA TRP A 216 40.94 0.33 1.39
C TRP A 216 40.12 -0.72 2.13
N GLN A 217 38.84 -0.80 1.82
CA GLN A 217 37.95 -1.75 2.49
C GLN A 217 37.23 -2.72 1.55
N ASP A 218 37.17 -3.98 1.96
CA ASP A 218 36.44 -4.99 1.19
C ASP A 218 34.96 -4.72 1.45
N VAL A 219 34.20 -4.51 0.39
CA VAL A 219 32.79 -4.18 0.51
C VAL A 219 31.94 -5.29 1.13
N LYS A 220 32.19 -6.54 0.73
CA LYS A 220 31.43 -7.67 1.25
C LYS A 220 31.62 -8.00 2.74
N THR A 221 32.86 -8.15 3.17
CA THR A 221 33.14 -8.55 4.54
C THR A 221 33.39 -7.38 5.50
N ARG A 222 33.66 -6.20 4.93
CA ARG A 222 33.90 -4.97 5.69
C ARG A 222 35.30 -4.92 6.34
N LYS A 223 36.14 -5.90 6.02
CA LYS A 223 37.51 -5.94 6.53
C LYS A 223 38.39 -4.88 5.89
N ILE A 224 39.16 -4.17 6.71
CA ILE A 224 40.12 -3.18 6.21
C ILE A 224 41.35 -3.92 5.71
N LEU A 225 41.66 -3.77 4.44
CA LEU A 225 42.76 -4.52 3.84
C LEU A 225 44.12 -3.84 3.85
N GLY A 226 44.12 -2.51 3.98
CA GLY A 226 45.38 -1.76 3.97
C GLY A 226 45.24 -0.28 4.23
N TRP A 227 46.35 0.35 4.63
CA TRP A 227 46.35 1.78 4.88
C TRP A 227 47.74 2.39 4.79
N ARG A 228 47.76 3.71 4.61
CA ARG A 228 48.98 4.51 4.60
C ARG A 228 48.65 5.86 5.19
N CYS A 229 49.49 6.33 6.10
CA CYS A 229 49.25 7.60 6.78
C CYS A 229 50.31 8.62 6.33
N ASP A 230 49.93 9.89 6.26
CA ASP A 230 50.86 10.94 5.82
C ASP A 230 50.45 12.32 6.34
N VAL A 231 51.29 13.33 6.08
CA VAL A 231 51.03 14.69 6.54
C VAL A 231 49.89 15.45 5.85
N SER A 232 49.53 15.03 4.64
CA SER A 232 48.44 15.69 3.91
C SER A 232 47.77 14.74 2.93
N GLU A 233 46.63 15.16 2.39
CA GLU A 233 45.92 14.33 1.45
C GLU A 233 46.55 14.47 0.08
N ASN A 234 46.97 13.34 -0.46
CA ASN A 234 47.57 13.28 -1.79
C ASN A 234 47.52 11.82 -2.30
N ILE A 235 47.67 11.65 -3.61
CA ILE A 235 47.59 10.33 -4.26
C ILE A 235 48.53 9.25 -3.73
N ASP A 236 49.70 9.63 -3.25
CA ASP A 236 50.71 8.69 -2.75
C ASP A 236 50.21 7.68 -1.71
N SER A 237 49.42 8.12 -0.74
CA SER A 237 48.91 7.22 0.30
C SER A 237 47.91 6.20 -0.26
N ILE A 238 47.13 6.65 -1.23
CA ILE A 238 46.14 5.82 -1.91
C ILE A 238 46.85 4.74 -2.71
N ARG A 239 47.78 5.19 -3.54
CA ARG A 239 48.59 4.34 -4.41
C ARG A 239 49.35 3.29 -3.63
N LEU A 240 49.99 3.71 -2.55
CA LEU A 240 50.78 2.80 -1.74
C LEU A 240 49.94 1.85 -0.88
N SER A 241 48.78 2.33 -0.43
CA SER A 241 47.88 1.44 0.33
C SER A 241 47.33 0.38 -0.60
N PHE A 242 47.10 0.78 -1.85
CA PHE A 242 46.63 -0.14 -2.88
C PHE A 242 47.71 -1.18 -3.12
N MET A 243 48.94 -0.70 -3.22
CA MET A 243 50.08 -1.59 -3.39
C MET A 243 50.12 -2.61 -2.27
N ASP A 244 49.89 -2.15 -1.04
CA ASP A 244 49.86 -3.05 0.12
C ASP A 244 48.76 -4.10 -0.03
N VAL A 245 47.59 -3.67 -0.53
CA VAL A 245 46.44 -4.57 -0.68
C VAL A 245 46.66 -5.66 -1.73
N VAL A 246 47.17 -5.27 -2.90
CA VAL A 246 47.41 -6.25 -3.96
C VAL A 246 48.64 -7.13 -3.73
N THR A 247 49.60 -6.62 -2.95
CA THR A 247 50.78 -7.42 -2.61
C THR A 247 50.39 -8.46 -1.55
N ARG A 248 49.55 -8.06 -0.60
CA ARG A 248 49.18 -8.98 0.48
C ARG A 248 48.09 -10.00 0.07
N TYR A 249 47.03 -9.54 -0.59
CA TYR A 249 45.94 -10.44 -0.95
C TYR A 249 45.82 -10.81 -2.43
N GLY A 250 46.58 -10.13 -3.29
CA GLY A 250 46.56 -10.42 -4.71
C GLY A 250 45.50 -9.67 -5.51
N ILE A 251 45.51 -9.89 -6.82
CA ILE A 251 44.59 -9.23 -7.74
C ILE A 251 43.55 -10.21 -8.29
N PRO A 252 42.27 -10.01 -7.97
CA PRO A 252 41.23 -10.89 -8.49
C PRO A 252 41.03 -10.72 -10.01
N GLU A 253 40.45 -11.72 -10.64
CA GLU A 253 40.25 -11.71 -12.10
C GLU A 253 39.21 -10.69 -12.55
N ASP A 254 38.28 -10.37 -11.66
CA ASP A 254 37.29 -9.33 -11.90
C ASP A 254 37.49 -8.38 -10.75
N PHE A 255 38.03 -7.21 -11.05
CA PHE A 255 38.39 -6.27 -10.00
C PHE A 255 37.67 -4.94 -10.16
N HIS A 256 36.91 -4.57 -9.13
CA HIS A 256 36.19 -3.30 -9.13
C HIS A 256 36.63 -2.42 -7.96
N ILE A 257 36.90 -1.16 -8.26
CA ILE A 257 37.39 -0.21 -7.27
C ILE A 257 36.50 1.00 -7.23
N THR A 258 36.10 1.44 -6.05
CA THR A 258 35.22 2.59 -5.97
C THR A 258 35.76 3.71 -5.08
N ILE A 259 35.78 4.92 -5.63
CA ILE A 259 36.14 6.12 -4.88
C ILE A 259 35.03 7.14 -5.16
N ASP A 260 34.09 7.28 -4.22
CA ASP A 260 32.96 8.15 -4.44
C ASP A 260 33.33 9.64 -4.39
N ASN A 261 33.35 10.28 -5.57
CA ASN A 261 33.65 11.72 -5.68
C ASN A 261 32.37 12.51 -5.98
N THR A 262 31.21 11.93 -5.68
CA THR A 262 29.91 12.57 -5.93
C THR A 262 29.80 13.96 -5.28
N THR A 271 44.54 15.22 -7.33
CA THR A 271 45.68 14.61 -7.99
C THR A 271 46.92 14.68 -7.07
N GLY A 272 46.87 15.54 -6.05
CA GLY A 272 47.95 15.63 -5.08
C GLY A 272 49.27 16.19 -5.59
N GLY A 273 50.33 15.38 -5.51
CA GLY A 273 51.64 15.81 -5.95
C GLY A 273 52.34 16.83 -5.07
N ALA A 274 52.75 17.95 -5.69
CA ALA A 274 53.43 19.09 -5.05
C ALA A 274 54.89 18.68 -4.76
N PRO A 275 55.73 19.64 -4.34
CA PRO A 275 57.15 19.35 -4.04
C PRO A 275 57.31 18.26 -2.93
N ASN A 276 58.27 17.33 -3.08
CA ASN A 276 59.75 17.46 -3.05
C ASN A 276 60.32 16.77 -1.81
N ARG A 277 59.56 15.84 -1.23
CA ARG A 277 60.03 15.14 -0.03
C ARG A 277 61.34 14.39 -0.29
N TYR A 278 61.69 14.21 -1.56
CA TYR A 278 62.95 13.57 -1.96
C TYR A 278 63.91 14.63 -2.52
N ARG A 279 63.56 15.90 -2.29
CA ARG A 279 64.28 17.10 -2.77
C ARG A 279 64.00 17.36 -4.25
N PHE A 280 63.43 16.36 -4.92
CA PHE A 280 62.99 16.53 -6.29
C PHE A 280 61.48 16.28 -6.25
N LYS A 281 60.76 17.02 -7.09
CA LYS A 281 59.29 17.04 -7.07
C LYS A 281 58.58 15.78 -7.58
N VAL A 282 57.53 15.38 -6.86
CA VAL A 282 56.73 14.20 -7.18
C VAL A 282 55.24 14.42 -6.86
N LYS A 283 54.31 14.13 -7.78
CA LYS A 283 54.46 14.10 -9.25
C LYS A 283 53.12 14.36 -9.94
N GLU A 284 53.08 15.14 -11.02
CA GLU A 284 51.83 15.25 -11.76
C GLU A 284 51.77 14.01 -12.63
N ASP A 285 50.73 13.20 -12.48
CA ASP A 285 50.57 12.01 -13.33
C ASP A 285 49.12 11.65 -13.67
N ASP A 286 48.95 10.39 -14.07
CA ASP A 286 47.63 9.82 -14.33
C ASP A 286 47.67 8.41 -13.74
N PRO A 287 47.26 8.29 -12.46
CA PRO A 287 47.16 7.08 -11.64
C PRO A 287 46.18 6.13 -12.25
N LYS A 288 45.17 6.78 -12.82
CA LYS A 288 44.03 6.15 -13.44
C LYS A 288 44.48 5.03 -14.40
N GLY A 289 45.42 5.36 -15.29
CA GLY A 289 45.96 4.38 -16.22
C GLY A 289 46.55 3.17 -15.53
N LEU A 290 47.31 3.40 -14.46
CA LEU A 290 47.93 2.32 -13.67
C LEU A 290 46.87 1.37 -13.08
N PHE A 291 45.78 1.96 -12.56
CA PHE A 291 44.69 1.16 -11.98
C PHE A 291 44.03 0.32 -13.07
N LEU A 292 43.72 0.93 -14.21
CA LEU A 292 43.13 0.19 -15.34
C LEU A 292 44.06 -0.93 -15.81
N LEU A 293 45.37 -0.69 -15.72
CA LEU A 293 46.39 -1.66 -16.11
C LEU A 293 46.46 -2.85 -15.14
N MET A 294 46.22 -2.61 -13.86
CA MET A 294 46.22 -3.68 -12.85
C MET A 294 45.11 -4.71 -13.12
N GLY A 295 44.16 -4.33 -13.97
CA GLY A 295 43.01 -5.16 -14.30
C GLY A 295 41.88 -4.82 -13.36
N ALA A 296 41.82 -3.54 -13.03
CA ALA A 296 40.82 -3.00 -12.11
C ALA A 296 39.88 -2.05 -12.85
N LYS A 297 38.59 -2.24 -12.62
CA LYS A 297 37.57 -1.39 -13.21
C LYS A 297 37.24 -0.30 -12.19
N MET A 298 37.58 0.93 -12.57
CA MET A 298 37.44 2.10 -11.70
C MET A 298 36.02 2.67 -11.73
N HIS A 299 35.53 3.10 -10.56
CA HIS A 299 34.19 3.65 -10.41
C HIS A 299 34.22 4.92 -9.56
N TRP A 300 33.43 5.92 -9.92
CA TRP A 300 33.42 7.18 -9.19
C TRP A 300 32.06 7.45 -8.54
N LEU A 324 36.45 3.74 13.49
CA LEU A 324 37.81 3.71 14.01
C LEU A 324 38.19 4.95 14.80
N GLU A 325 37.40 6.02 14.70
CA GLU A 325 37.69 7.24 15.46
C GLU A 325 37.70 6.89 16.95
N GLU A 326 36.94 5.85 17.29
CA GLU A 326 36.87 5.31 18.64
C GLU A 326 38.15 4.52 18.93
N TYR A 327 38.68 3.83 17.92
CA TYR A 327 39.88 2.99 18.04
C TYR A 327 41.22 3.75 17.95
N VAL A 328 41.24 4.84 17.18
CA VAL A 328 42.45 5.65 16.98
C VAL A 328 42.38 6.98 17.73
N ASP A 329 41.65 7.92 17.13
CA ASP A 329 41.47 9.26 17.70
C ASP A 329 41.07 9.30 19.17
N LYS A 330 40.29 8.32 19.64
CA LYS A 330 39.83 8.30 21.03
C LYS A 330 40.57 7.33 21.99
N HIS A 331 41.67 6.73 21.54
CA HIS A 331 42.47 5.83 22.39
C HIS A 331 43.13 6.63 23.51
N PRO A 332 43.11 6.08 24.75
CA PRO A 332 43.69 6.65 25.98
C PRO A 332 45.14 7.17 25.87
N ALA A 333 46.00 6.48 25.14
CA ALA A 333 47.42 6.87 25.00
C ALA A 333 47.68 8.20 24.30
N LEU A 334 46.71 8.64 23.49
CA LEU A 334 46.79 9.90 22.74
C LEU A 334 46.01 11.06 23.39
N ALA A 335 45.48 10.83 24.60
CA ALA A 335 44.60 11.79 25.30
C ALA A 335 45.11 13.23 25.38
N GLY A 336 46.43 13.40 25.38
CA GLY A 336 47.01 14.73 25.39
C GLY A 336 46.90 15.39 24.02
N ALA A 337 46.87 14.59 22.97
CA ALA A 337 46.84 15.13 21.62
C ALA A 337 45.43 15.35 21.05
N TYR A 338 44.58 14.35 21.18
CA TYR A 338 43.21 14.46 20.70
C TYR A 338 42.56 15.52 21.59
N THR A 339 41.86 16.47 20.98
CA THR A 339 41.24 17.51 21.78
C THR A 339 39.77 17.22 21.98
N GLY A 340 39.22 16.48 21.04
CA GLY A 340 37.82 16.13 21.07
C GLY A 340 37.08 17.27 20.38
N PRO A 341 35.81 17.04 20.00
CA PRO A 341 35.03 18.14 19.42
C PRO A 341 34.79 19.27 20.43
N ASN A 342 35.84 19.83 21.02
CA ASN A 342 35.70 20.93 21.98
C ASN A 342 35.69 22.26 21.24
N PRO A 343 34.57 23.01 21.31
CA PRO A 343 34.51 24.31 20.63
C PRO A 343 35.52 25.29 21.19
N GLN A 344 35.65 25.31 22.52
CA GLN A 344 36.65 26.12 23.21
C GLN A 344 37.77 25.22 23.75
N ALA A 345 38.95 25.30 23.14
CA ALA A 345 40.09 24.49 23.59
C ALA A 345 41.37 25.33 23.67
N LYS A 346 42.01 25.33 24.84
CA LYS A 346 43.21 26.13 25.08
C LYS A 346 44.38 25.67 24.21
N PRO A 347 44.86 26.54 23.31
CA PRO A 347 46.00 26.23 22.45
C PRO A 347 47.36 26.20 23.18
N ASP A 348 47.41 26.77 24.39
CA ASP A 348 48.66 26.88 25.17
C ASP A 348 49.23 25.54 25.68
N ASN A 349 48.36 24.53 25.82
CA ASN A 349 48.78 23.23 26.35
C ASN A 349 49.42 22.26 25.31
N TYR A 350 49.11 22.44 24.03
CA TYR A 350 49.23 21.35 23.04
C TYR A 350 50.62 21.07 22.44
N GLY A 351 51.47 22.10 22.31
CA GLY A 351 52.81 21.90 21.76
C GLY A 351 53.60 20.81 22.49
N ASP A 352 53.28 20.65 23.77
CA ASP A 352 53.91 19.65 24.63
C ASP A 352 53.22 18.28 24.54
N ARG A 353 51.92 18.32 24.27
CA ARG A 353 51.07 17.13 24.23
C ARG A 353 51.12 16.28 22.95
N ALA A 354 51.43 16.88 21.80
CA ALA A 354 51.48 16.15 20.52
C ALA A 354 52.24 14.83 20.68
N VAL A 355 51.62 13.74 20.24
CA VAL A 355 52.21 12.41 20.35
C VAL A 355 53.17 12.03 19.22
N ASP A 356 54.06 11.08 19.50
CA ASP A 356 55.08 10.65 18.55
C ASP A 356 54.45 9.90 17.39
N ALA A 357 55.04 10.03 16.20
CA ALA A 357 54.56 9.36 15.00
C ALA A 357 54.48 7.84 15.19
N GLU A 358 55.50 7.27 15.83
CA GLU A 358 55.57 5.83 16.08
C GLU A 358 54.43 5.32 16.98
N LEU A 359 54.10 6.12 17.99
CA LEU A 359 53.03 5.77 18.92
C LEU A 359 51.68 5.90 18.25
N PHE A 360 51.50 6.97 17.49
CA PHE A 360 50.25 7.18 16.76
C PHE A 360 50.02 6.06 15.76
N LEU A 361 51.03 5.77 14.95
CA LEU A 361 50.95 4.71 13.94
C LEU A 361 50.79 3.29 14.52
N LYS A 362 51.34 3.07 15.72
CA LYS A 362 51.19 1.78 16.37
C LYS A 362 49.75 1.65 16.87
N THR A 363 49.27 2.73 17.48
CA THR A 363 47.90 2.79 17.98
C THR A 363 46.91 2.63 16.81
N LEU A 364 47.27 3.18 15.66
CA LEU A 364 46.47 3.09 14.45
C LEU A 364 46.42 1.64 13.98
N ALA A 365 47.58 1.00 13.87
CA ALA A 365 47.65 -0.39 13.42
C ALA A 365 46.88 -1.34 14.35
N GLU A 366 46.98 -1.09 15.64
CA GLU A 366 46.29 -1.91 16.65
C GLU A 366 44.79 -1.64 16.60
N GLY A 367 44.42 -0.40 16.33
CA GLY A 367 43.03 -0.02 16.20
C GLY A 367 42.38 -0.69 15.00
N VAL A 368 43.14 -0.80 13.91
CA VAL A 368 42.66 -1.48 12.71
C VAL A 368 42.51 -2.96 12.99
N ALA A 369 43.51 -3.54 13.63
CA ALA A 369 43.48 -4.96 13.98
C ALA A 369 42.29 -5.31 14.88
N MET A 370 42.02 -4.45 15.85
CA MET A 370 40.91 -4.64 16.78
C MET A 370 39.55 -4.39 16.12
N PHE A 371 39.51 -3.45 15.18
CA PHE A 371 38.28 -3.17 14.44
C PHE A 371 37.90 -4.39 13.60
N ASN A 372 38.90 -4.98 12.95
CA ASN A 372 38.67 -6.16 12.11
C ASN A 372 38.35 -7.41 12.92
N ALA A 373 39.03 -7.58 14.05
CA ALA A 373 38.85 -8.76 14.89
C ALA A 373 37.60 -8.71 15.77
N ARG A 374 36.98 -7.54 15.88
CA ARG A 374 35.78 -7.36 16.71
C ARG A 374 34.60 -8.22 16.30
N THR A 375 34.15 -9.08 17.20
CA THR A 375 33.00 -9.95 16.94
C THR A 375 31.70 -9.21 17.26
N GLY A 376 30.57 -9.84 16.94
CA GLY A 376 29.26 -9.28 17.20
C GLY A 376 28.86 -8.27 16.14
N ARG A 377 29.52 -8.34 14.99
CA ARG A 377 29.24 -7.43 13.90
C ARG A 377 27.86 -7.73 13.34
N GLU A 378 26.99 -6.74 13.27
CA GLU A 378 25.66 -7.02 12.74
C GLU A 378 25.59 -6.72 11.25
N THR A 379 25.89 -7.74 10.46
CA THR A 379 25.84 -7.70 9.01
C THR A 379 25.26 -9.04 8.57
N GLU A 380 24.86 -9.13 7.31
CA GLU A 380 24.34 -10.40 6.79
C GLU A 380 25.40 -11.51 6.88
N MET A 381 26.60 -11.19 6.42
CA MET A 381 27.73 -12.10 6.40
C MET A 381 28.13 -12.60 7.80
N CYS A 382 28.11 -11.72 8.78
CA CYS A 382 28.50 -12.08 10.14
C CYS A 382 27.35 -12.66 10.96
N GLY A 383 26.12 -12.35 10.54
CA GLY A 383 24.91 -12.83 11.19
C GLY A 383 24.86 -12.57 12.69
N GLY A 384 25.39 -11.41 13.10
CA GLY A 384 25.44 -11.01 14.50
C GLY A 384 26.37 -11.84 15.35
N LYS A 385 27.11 -12.76 14.74
CA LYS A 385 28.02 -13.64 15.47
C LYS A 385 29.50 -13.44 15.14
N LEU A 386 29.87 -13.61 13.86
CA LEU A 386 31.28 -13.52 13.49
C LEU A 386 31.82 -12.09 13.35
N SER A 387 33.13 -12.00 13.17
CA SER A 387 33.82 -10.73 12.99
C SER A 387 34.12 -10.56 11.52
N PHE A 388 34.59 -9.38 11.13
CA PHE A 388 34.93 -9.13 9.74
C PHE A 388 36.06 -10.06 9.28
N ASP A 389 36.98 -10.36 10.20
CA ASP A 389 38.09 -11.26 9.92
C ASP A 389 37.62 -12.67 9.59
N ASP A 390 36.69 -13.19 10.39
CA ASP A 390 36.12 -14.53 10.18
C ASP A 390 35.48 -14.68 8.81
N VAL A 391 34.56 -13.79 8.49
CA VAL A 391 33.85 -13.84 7.22
C VAL A 391 34.78 -13.57 6.04
N PHE A 392 35.80 -12.73 6.23
CA PHE A 392 36.76 -12.48 5.15
C PHE A 392 37.60 -13.72 4.90
N GLU A 393 38.05 -14.38 5.95
CA GLU A 393 38.86 -15.58 5.82
C GLU A 393 38.04 -16.69 5.16
N ARG A 394 36.75 -16.70 5.46
CA ARG A 394 35.83 -17.67 4.87
C ARG A 394 35.55 -17.44 3.39
N GLU A 395 35.21 -16.20 3.02
CA GLU A 395 34.88 -15.88 1.63
C GLU A 395 36.08 -15.76 0.69
N TYR A 396 37.21 -15.30 1.21
CA TYR A 396 38.40 -15.13 0.37
C TYR A 396 38.88 -16.48 -0.17
N ALA A 397 38.68 -17.55 0.61
CA ALA A 397 39.07 -18.87 0.17
C ALA A 397 38.16 -19.39 -0.96
N ARG A 398 37.03 -18.73 -1.18
CA ARG A 398 36.10 -19.12 -2.23
C ARG A 398 36.13 -18.18 -3.44
N THR A 399 37.21 -17.40 -3.56
CA THR A 399 37.36 -16.46 -4.66
C THR A 399 38.66 -16.81 -5.39
N ILE A 400 38.73 -16.49 -6.68
CA ILE A 400 39.90 -16.83 -7.48
C ILE A 400 40.75 -15.58 -7.75
N VAL A 401 41.91 -15.51 -7.10
CA VAL A 401 42.82 -14.36 -7.26
C VAL A 401 44.18 -14.78 -7.82
N ARG A 402 44.90 -13.81 -8.39
CA ARG A 402 46.24 -14.04 -8.93
C ARG A 402 47.27 -13.13 -8.24
N LYS A 403 48.47 -13.64 -8.02
CA LYS A 403 49.53 -12.84 -7.39
C LYS A 403 50.22 -11.91 -8.39
N PRO A 404 50.54 -10.68 -7.96
CA PRO A 404 51.21 -9.76 -8.88
C PRO A 404 52.70 -10.10 -9.07
N THR A 405 53.19 -9.96 -10.30
CA THR A 405 54.58 -10.21 -10.62
C THR A 405 55.45 -9.07 -10.07
N GLU A 406 56.76 -9.31 -9.99
CA GLU A 406 57.70 -8.30 -9.52
C GLU A 406 57.69 -7.05 -10.42
N GLU A 407 57.59 -7.26 -11.73
CA GLU A 407 57.55 -6.16 -12.69
C GLU A 407 56.37 -5.20 -12.46
N GLN A 408 55.17 -5.77 -12.31
CA GLN A 408 53.97 -4.98 -12.03
C GLN A 408 54.17 -4.09 -10.79
N LYS A 409 54.62 -4.71 -9.71
CA LYS A 409 54.90 -4.02 -8.45
C LYS A 409 55.95 -2.91 -8.64
N ARG A 410 56.94 -3.15 -9.48
CA ARG A 410 57.99 -2.17 -9.74
C ARG A 410 57.48 -1.00 -10.61
N MET A 411 56.46 -1.26 -11.44
CA MET A 411 55.86 -0.22 -12.29
C MET A 411 55.06 0.80 -11.45
N LEU A 412 54.70 0.37 -10.25
CA LEU A 412 53.99 1.18 -9.25
C LEU A 412 54.91 2.07 -8.39
N LEU A 413 56.22 1.89 -8.54
CA LEU A 413 57.23 2.65 -7.79
C LEU A 413 57.16 4.11 -8.25
N LEU A 414 57.63 5.05 -7.42
CA LEU A 414 57.18 6.43 -7.56
C LEU A 414 57.76 7.21 -8.74
N PRO A 415 56.92 8.04 -9.37
CA PRO A 415 57.24 8.91 -10.51
C PRO A 415 57.74 10.29 -10.09
N ALA A 416 58.89 10.68 -10.63
CA ALA A 416 59.49 11.99 -10.40
C ALA A 416 59.08 12.93 -11.54
N GLU A 417 58.98 14.22 -11.26
CA GLU A 417 58.63 15.19 -12.31
C GLU A 417 59.70 15.20 -13.37
N ALA A 418 59.28 15.50 -14.60
CA ALA A 418 60.16 15.48 -15.77
C ALA A 418 61.47 16.24 -15.53
N VAL A 419 62.58 15.59 -15.89
CA VAL A 419 63.90 16.19 -15.77
C VAL A 419 64.49 16.35 -17.16
N ASN A 420 65.41 17.30 -17.32
CA ASN A 420 65.99 17.53 -18.64
C ASN A 420 67.09 16.54 -18.95
N VAL A 421 67.15 16.11 -20.22
CA VAL A 421 68.20 15.21 -20.69
C VAL A 421 69.12 15.98 -21.63
N SER A 422 70.42 15.94 -21.34
CA SER A 422 71.40 16.62 -22.17
C SER A 422 71.64 15.86 -23.48
N ARG A 423 72.49 16.41 -24.35
CA ARG A 423 72.80 15.76 -25.63
C ARG A 423 73.55 14.45 -25.40
N LYS A 424 74.26 14.37 -24.28
CA LYS A 424 75.03 13.18 -23.93
C LYS A 424 74.14 12.04 -23.44
N GLY A 425 72.86 12.33 -23.21
CA GLY A 425 71.93 11.32 -22.73
C GLY A 425 71.96 11.10 -21.22
N GLU A 426 72.19 12.18 -20.48
CA GLU A 426 72.29 12.12 -19.02
C GLU A 426 71.32 13.12 -18.42
N PHE A 427 70.85 12.84 -17.20
CA PHE A 427 69.95 13.76 -16.50
C PHE A 427 70.26 13.74 -15.00
N THR A 428 69.73 14.71 -14.25
CA THR A 428 70.07 14.79 -12.83
C THR A 428 68.83 14.84 -11.92
N LEU A 429 68.97 14.26 -10.73
CA LEU A 429 67.97 14.29 -9.68
C LEU A 429 68.71 14.75 -8.44
N LYS A 430 68.23 15.82 -7.82
CA LYS A 430 68.87 16.29 -6.60
C LYS A 430 68.16 15.65 -5.41
N VAL A 431 68.80 14.61 -4.89
CA VAL A 431 68.29 13.81 -3.77
C VAL A 431 68.48 14.55 -2.45
N GLY A 432 67.53 14.42 -1.55
CA GLY A 432 67.57 15.09 -0.24
C GLY A 432 66.34 14.76 0.56
N GLY A 433 65.88 15.70 1.39
CA GLY A 433 64.71 15.46 2.23
C GLY A 433 64.93 14.36 3.27
N SER A 434 64.17 13.28 3.17
CA SER A 434 64.27 12.17 4.11
C SER A 434 65.43 11.22 3.75
N LEU A 435 65.97 11.40 2.54
CA LEU A 435 67.08 10.58 2.06
C LEU A 435 68.38 11.36 2.23
N LYS A 436 69.50 10.65 2.28
CA LYS A 436 70.80 11.29 2.42
C LYS A 436 71.04 12.19 1.23
N GLY A 437 71.49 13.42 1.49
CA GLY A 437 71.75 14.36 0.42
C GLY A 437 72.83 13.87 -0.53
N ALA A 438 72.58 14.11 -1.81
CA ALA A 438 73.48 13.74 -2.89
C ALA A 438 72.88 14.27 -4.18
N LYS A 439 73.73 14.51 -5.17
CA LYS A 439 73.27 14.98 -6.47
C LYS A 439 73.50 13.83 -7.43
N ASN A 440 72.46 13.05 -7.67
CA ASN A 440 72.58 11.88 -8.53
C ASN A 440 72.46 12.20 -10.01
N VAL A 441 73.38 11.66 -10.81
CA VAL A 441 73.38 11.85 -12.25
C VAL A 441 73.19 10.49 -12.92
N TYR A 442 72.16 10.36 -13.75
CA TYR A 442 71.91 9.09 -14.43
C TYR A 442 72.19 9.19 -15.92
N TYR A 443 72.42 8.04 -16.55
CA TYR A 443 72.83 7.98 -17.94
C TYR A 443 72.41 6.70 -18.66
N ASN A 444 72.28 6.82 -19.98
CA ASN A 444 72.00 5.70 -20.87
C ASN A 444 72.28 6.16 -22.32
N LEU A 445 72.52 5.20 -23.22
CA LEU A 445 72.85 5.53 -24.60
C LEU A 445 71.60 5.83 -25.41
N ALA A 446 70.50 5.19 -25.04
CA ALA A 446 69.22 5.36 -25.74
C ALA A 446 68.68 6.78 -25.59
N LEU A 447 69.15 7.50 -24.57
CA LEU A 447 68.72 8.86 -24.34
C LEU A 447 69.34 9.85 -25.34
N MET A 448 70.57 9.59 -25.75
CA MET A 448 71.23 10.47 -26.72
C MET A 448 70.97 9.99 -28.15
N LEU A 449 70.50 8.76 -28.28
CA LEU A 449 70.41 8.10 -29.58
C LEU A 449 69.04 8.26 -30.24
N ALA A 450 68.09 8.85 -29.51
CA ALA A 450 66.80 9.15 -30.11
C ALA A 450 66.29 10.51 -29.69
N GLY A 451 65.08 10.83 -30.15
CA GLY A 451 64.47 12.11 -29.82
C GLY A 451 63.96 12.26 -28.40
N VAL A 452 64.61 13.10 -27.62
CA VAL A 452 64.15 13.41 -26.27
C VAL A 452 64.76 14.71 -25.77
N LYS A 453 63.96 15.44 -25.01
CA LYS A 453 64.34 16.69 -24.37
C LYS A 453 64.12 16.53 -22.88
N LYS A 454 62.92 16.09 -22.52
CA LYS A 454 62.54 15.89 -21.14
C LYS A 454 62.14 14.44 -20.94
N VAL A 455 62.29 13.96 -19.71
CA VAL A 455 61.99 12.58 -19.40
C VAL A 455 61.47 12.44 -17.97
N VAL A 456 60.52 11.53 -17.78
CA VAL A 456 59.98 11.26 -16.45
C VAL A 456 60.72 10.08 -15.86
N VAL A 457 61.18 10.24 -14.63
CA VAL A 457 61.99 9.21 -13.99
C VAL A 457 61.17 8.41 -12.99
N ARG A 458 61.17 7.09 -13.11
CA ARG A 458 60.46 6.24 -12.18
C ARG A 458 61.51 5.60 -11.29
N PHE A 459 61.26 5.55 -9.99
CA PHE A 459 62.28 5.05 -9.07
C PHE A 459 61.73 4.46 -7.79
N ASP A 460 62.62 3.74 -7.11
CA ASP A 460 62.36 3.16 -5.81
C ASP A 460 63.38 3.94 -4.99
N PRO A 461 62.91 4.65 -3.95
CA PRO A 461 63.81 5.43 -3.08
C PRO A 461 65.01 4.61 -2.62
N GLN A 462 64.79 3.33 -2.34
CA GLN A 462 65.87 2.42 -1.93
C GLN A 462 66.86 2.11 -3.06
N GLN A 463 66.40 2.23 -4.32
CA GLN A 463 67.24 1.91 -5.48
C GLN A 463 67.73 3.13 -6.28
N LEU A 464 67.53 4.34 -5.77
CA LEU A 464 67.98 5.56 -6.45
C LEU A 464 69.48 5.55 -6.75
N HIS A 465 70.27 4.90 -5.89
CA HIS A 465 71.73 4.86 -6.05
C HIS A 465 72.19 3.96 -7.20
N SER A 466 71.27 3.18 -7.77
CA SER A 466 71.65 2.27 -8.85
C SER A 466 70.85 2.34 -10.15
N THR A 467 69.58 1.94 -10.11
CA THR A 467 68.79 1.88 -11.33
C THR A 467 67.43 2.61 -11.30
N VAL A 468 67.22 3.46 -12.30
CA VAL A 468 65.95 4.17 -12.44
C VAL A 468 65.39 3.86 -13.82
N TYR A 469 64.11 4.15 -14.07
CA TYR A 469 63.55 3.85 -15.39
C TYR A 469 62.97 5.11 -16.05
N CYS A 470 63.44 5.43 -17.25
CA CYS A 470 63.02 6.64 -17.97
C CYS A 470 61.81 6.42 -18.89
N TYR A 471 60.87 7.35 -18.83
CA TYR A 471 59.67 7.30 -19.66
C TYR A 471 59.50 8.61 -20.40
N THR A 472 58.86 8.57 -21.56
CA THR A 472 58.58 9.78 -22.33
C THR A 472 57.47 10.55 -21.62
N LEU A 473 57.33 11.83 -21.97
CA LEU A 473 56.29 12.67 -21.38
C LEU A 473 54.88 12.12 -21.62
N ASP A 474 54.70 11.31 -22.67
CA ASP A 474 53.40 10.70 -22.96
C ASP A 474 53.22 9.30 -22.38
N GLY A 475 54.19 8.85 -21.60
CA GLY A 475 54.12 7.55 -20.93
C GLY A 475 54.80 6.32 -21.53
N ARG A 476 55.44 6.46 -22.69
CA ARG A 476 56.11 5.31 -23.30
C ARG A 476 57.46 5.03 -22.65
N PHE A 477 57.66 3.78 -22.24
CA PHE A 477 58.91 3.35 -21.61
C PHE A 477 60.04 3.51 -22.63
N ILE A 478 61.16 4.09 -22.22
CA ILE A 478 62.30 4.27 -23.11
C ILE A 478 63.40 3.26 -22.84
N CYS A 479 63.94 3.29 -21.62
CA CYS A 479 65.00 2.41 -21.18
C CYS A 479 65.23 2.70 -19.71
N GLU A 480 66.19 2.01 -19.10
CA GLU A 480 66.54 2.29 -17.72
C GLU A 480 67.91 2.96 -17.68
N ALA A 481 68.16 3.74 -16.63
CA ALA A 481 69.44 4.42 -16.51
C ALA A 481 70.12 4.10 -15.19
N GLU A 482 71.45 4.02 -15.27
CA GLU A 482 72.31 3.68 -14.15
C GLU A 482 72.94 4.95 -13.58
N CYS A 483 73.08 5.00 -12.26
CA CYS A 483 73.71 6.14 -11.61
C CYS A 483 75.21 6.02 -11.89
N LEU A 484 75.80 7.04 -12.50
CA LEU A 484 77.23 7.04 -12.84
C LEU A 484 78.15 7.07 -11.61
N ARG A 496 67.33 23.37 7.05
CA ARG A 496 67.54 22.25 6.13
C ARG A 496 67.20 22.64 4.70
N GLU A 497 68.20 23.01 3.91
CA GLU A 497 67.97 23.38 2.50
C GLU A 497 66.98 24.53 2.35
N TYR A 498 65.84 24.23 1.72
CA TYR A 498 64.78 25.19 1.45
C TYR A 498 63.98 25.58 2.69
N ARG A 499 64.08 24.77 3.74
CA ARG A 499 63.38 25.01 5.00
C ARG A 499 63.91 26.25 5.72
N ARG A 500 65.17 26.61 5.46
CA ARG A 500 65.77 27.82 5.98
C ARG A 500 65.06 29.04 5.40
N ARG A 501 64.82 28.99 4.10
CA ARG A 501 64.05 30.00 3.40
C ARG A 501 62.63 30.06 3.93
N GLN A 502 62.00 28.89 4.09
CA GLN A 502 60.64 28.83 4.64
C GLN A 502 60.52 29.50 6.02
N LYS A 503 61.48 29.21 6.90
CA LYS A 503 61.51 29.78 8.25
C LYS A 503 61.77 31.30 8.25
N GLN A 504 62.76 31.74 7.47
CA GLN A 504 63.08 33.17 7.35
C GLN A 504 61.86 33.93 6.82
N LEU A 505 61.21 33.35 5.82
CA LEU A 505 59.97 33.91 5.28
C LEU A 505 58.90 34.00 6.37
N LYS A 506 58.77 32.94 7.19
CA LYS A 506 57.82 32.94 8.32
C LYS A 506 58.04 34.08 9.32
N SER A 507 59.30 34.30 9.70
CA SER A 507 59.62 35.38 10.64
C SER A 507 59.31 36.75 10.03
N ALA A 508 59.81 36.95 8.81
CA ALA A 508 59.56 38.20 8.09
C ALA A 508 58.08 38.46 7.84
N THR A 509 57.27 37.40 7.91
CA THR A 509 55.82 37.56 7.90
C THR A 509 55.31 38.01 9.25
N LYS A 510 55.52 37.18 10.27
CA LYS A 510 54.99 37.45 11.61
C LYS A 510 55.34 38.84 12.19
N ALA A 511 56.61 39.23 12.08
CA ALA A 511 57.05 40.54 12.59
C ALA A 511 56.31 41.70 11.90
N ALA A 512 56.25 41.61 10.57
CA ALA A 512 55.56 42.60 9.75
C ALA A 512 54.05 42.65 10.01
N ILE A 513 53.47 41.50 10.31
CA ILE A 513 52.04 41.36 10.58
C ILE A 513 51.65 42.00 11.93
N LYS A 514 52.44 41.71 12.97
CA LYS A 514 52.23 42.36 14.26
C LYS A 514 52.45 43.88 14.14
N ALA A 515 53.48 44.27 13.40
CA ALA A 515 53.78 45.68 13.19
C ALA A 515 52.68 46.42 12.42
N GLN A 516 51.99 45.70 11.54
CA GLN A 516 50.85 46.26 10.81
C GLN A 516 49.57 46.29 11.66
N LYS A 517 49.44 45.32 12.56
CA LYS A 517 48.29 45.25 13.46
C LYS A 517 48.34 46.40 14.47
N GLN A 518 49.55 46.77 14.89
CA GLN A 518 49.70 47.89 15.81
C GLN A 518 50.10 49.17 15.08
N ASP B 12 -81.49 -28.72 -17.69
CA ASP B 12 -80.22 -28.55 -16.96
C ASP B 12 -80.36 -27.71 -15.68
N ARG B 13 -79.99 -28.31 -14.54
CA ARG B 13 -80.01 -27.58 -13.27
C ARG B 13 -78.65 -26.94 -12.99
N GLU B 14 -77.68 -27.17 -13.86
CA GLU B 14 -76.37 -26.56 -13.69
C GLU B 14 -76.45 -25.03 -13.83
N ALA B 15 -77.10 -24.55 -14.90
CA ALA B 15 -77.22 -23.12 -15.15
C ALA B 15 -78.09 -22.42 -14.10
N LEU B 16 -79.12 -23.13 -13.66
CA LEU B 16 -80.04 -22.64 -12.64
C LEU B 16 -79.34 -22.52 -11.29
N TRP B 17 -78.60 -23.56 -10.92
CA TRP B 17 -77.87 -23.59 -9.65
C TRP B 17 -76.70 -22.62 -9.65
N SER B 18 -76.14 -22.36 -10.83
CA SER B 18 -75.08 -21.36 -10.97
C SER B 18 -75.69 -19.96 -10.86
N LYS B 19 -76.94 -19.84 -11.28
CA LYS B 19 -77.67 -18.59 -11.13
C LYS B 19 -78.01 -18.34 -9.66
N TRP B 20 -78.23 -19.41 -8.91
CA TRP B 20 -78.40 -19.31 -7.47
C TRP B 20 -77.09 -18.90 -6.78
N ASP B 21 -76.01 -19.61 -7.12
CA ASP B 21 -74.69 -19.37 -6.52
C ASP B 21 -74.20 -17.96 -6.79
N ASN B 22 -74.49 -17.46 -7.99
CA ASN B 22 -74.04 -16.12 -8.37
C ASN B 22 -74.98 -15.02 -7.90
N ALA B 23 -76.03 -15.40 -7.18
CA ALA B 23 -76.98 -14.43 -6.69
C ALA B 23 -76.42 -13.70 -5.47
N SER B 24 -76.92 -12.49 -5.25
CA SER B 24 -76.48 -11.66 -4.13
C SER B 24 -77.07 -12.24 -2.84
N ASP B 25 -76.47 -11.89 -1.71
CA ASP B 25 -76.95 -12.35 -0.42
C ASP B 25 -78.40 -11.85 -0.28
N SER B 26 -78.63 -10.63 -0.77
CA SER B 26 -79.96 -10.01 -0.74
C SER B 26 -80.98 -10.84 -1.53
N GLN B 27 -80.53 -11.35 -2.67
CA GLN B 27 -81.37 -12.15 -3.57
C GLN B 27 -81.67 -13.52 -2.92
N ARG B 28 -80.66 -14.14 -2.31
CA ARG B 28 -80.86 -15.43 -1.63
C ARG B 28 -81.82 -15.22 -0.46
N ARG B 29 -81.68 -14.11 0.25
CA ARG B 29 -82.53 -13.77 1.39
C ARG B 29 -83.98 -13.63 0.90
N LEU B 30 -84.15 -12.98 -0.25
CA LEU B 30 -85.47 -12.80 -0.86
C LEU B 30 -86.10 -14.15 -1.17
N ALA B 31 -85.32 -15.04 -1.78
CA ALA B 31 -85.81 -16.39 -2.09
C ALA B 31 -86.20 -17.11 -0.80
N GLU B 32 -85.37 -16.96 0.24
CA GLU B 32 -85.60 -17.59 1.55
C GLU B 32 -86.92 -17.10 2.12
N LYS B 33 -87.18 -15.80 1.99
CA LYS B 33 -88.41 -15.20 2.48
C LYS B 33 -89.62 -15.72 1.69
N TRP B 34 -89.46 -15.89 0.38
CA TRP B 34 -90.58 -16.35 -0.44
C TRP B 34 -90.83 -17.87 -0.46
N LEU B 35 -89.91 -18.66 0.08
CA LEU B 35 -90.09 -20.12 0.07
C LEU B 35 -91.16 -20.73 1.03
N PRO B 36 -91.20 -20.31 2.31
CA PRO B 36 -92.22 -20.87 3.22
C PRO B 36 -93.66 -20.54 2.84
N ALA B 37 -93.86 -19.45 2.11
CA ALA B 37 -95.19 -19.02 1.70
C ALA B 37 -95.70 -19.91 0.56
N VAL B 38 -94.82 -20.22 -0.39
CA VAL B 38 -95.18 -21.08 -1.51
C VAL B 38 -95.42 -22.52 -1.03
N GLN B 39 -94.58 -22.98 -0.10
CA GLN B 39 -94.69 -24.33 0.44
C GLN B 39 -95.96 -24.49 1.27
N ALA B 40 -96.23 -23.50 2.11
CA ALA B 40 -97.42 -23.52 2.95
C ALA B 40 -98.68 -23.53 2.09
N ALA B 41 -98.65 -22.74 1.02
CA ALA B 41 -99.77 -22.64 0.08
C ALA B 41 -100.08 -24.00 -0.53
N ASP B 42 -99.02 -24.75 -0.84
CA ASP B 42 -99.13 -26.07 -1.45
C ASP B 42 -99.92 -27.01 -0.55
N GLU B 43 -99.67 -26.93 0.74
CA GLU B 43 -100.33 -27.75 1.75
C GLU B 43 -101.84 -27.51 1.79
N MET B 44 -102.25 -26.25 1.65
CA MET B 44 -103.68 -25.90 1.70
C MET B 44 -104.43 -26.46 0.49
N LEU B 45 -103.81 -26.37 -0.68
CA LEU B 45 -104.42 -26.89 -1.91
C LEU B 45 -104.52 -28.41 -1.87
N ASN B 46 -103.51 -29.05 -1.28
CA ASN B 46 -103.49 -30.50 -1.14
C ASN B 46 -104.70 -30.93 -0.32
N GLN B 47 -105.04 -30.12 0.69
CA GLN B 47 -106.18 -30.38 1.57
C GLN B 47 -107.47 -30.04 0.82
N GLY B 48 -107.34 -29.58 -0.41
CA GLY B 48 -108.47 -29.24 -1.24
C GLY B 48 -109.19 -27.96 -0.82
N ILE B 49 -108.43 -27.04 -0.23
CA ILE B 49 -108.98 -25.77 0.19
C ILE B 49 -109.15 -24.88 -1.03
N SER B 50 -110.24 -24.11 -1.03
CA SER B 50 -110.55 -23.18 -2.11
C SER B 50 -109.33 -22.31 -2.31
N THR B 51 -109.01 -22.00 -3.57
CA THR B 51 -107.86 -21.17 -3.88
C THR B 51 -108.01 -19.81 -3.17
N LYS B 52 -109.22 -19.26 -3.18
CA LYS B 52 -109.51 -17.97 -2.55
C LYS B 52 -109.16 -17.95 -1.06
N THR B 53 -109.65 -18.94 -0.33
CA THR B 53 -109.41 -19.04 1.12
C THR B 53 -107.93 -19.24 1.42
N ALA B 54 -107.28 -20.09 0.64
CA ALA B 54 -105.85 -20.37 0.80
C ALA B 54 -104.99 -19.11 0.61
N PHE B 55 -105.20 -18.40 -0.49
CA PHE B 55 -104.42 -17.19 -0.77
C PHE B 55 -104.77 -16.07 0.19
N ALA B 56 -106.04 -15.93 0.54
CA ALA B 56 -106.45 -14.92 1.50
C ALA B 56 -105.74 -15.18 2.82
N THR B 57 -105.72 -16.44 3.23
CA THR B 57 -105.07 -16.83 4.48
C THR B 57 -103.56 -16.56 4.46
N VAL B 58 -102.89 -16.95 3.37
CA VAL B 58 -101.44 -16.73 3.25
C VAL B 58 -101.10 -15.23 3.19
N ALA B 59 -101.84 -14.47 2.38
CA ALA B 59 -101.64 -13.03 2.24
C ALA B 59 -101.95 -12.36 3.57
N GLY B 60 -102.85 -12.96 4.32
CA GLY B 60 -103.22 -12.46 5.64
C GLY B 60 -102.12 -12.64 6.69
N HIS B 61 -101.61 -13.87 6.81
CA HIS B 61 -100.56 -14.16 7.78
C HIS B 61 -99.22 -13.57 7.35
N TYR B 62 -98.89 -13.76 6.08
CA TYR B 62 -97.64 -13.28 5.50
C TYR B 62 -97.99 -12.00 4.77
N GLN B 63 -97.18 -10.96 4.86
CA GLN B 63 -97.57 -9.77 4.12
C GLN B 63 -97.00 -9.99 2.72
N VAL B 64 -97.81 -10.62 1.87
CA VAL B 64 -97.46 -10.89 0.49
C VAL B 64 -98.64 -10.60 -0.42
N SER B 65 -98.36 -10.30 -1.68
CA SER B 65 -99.42 -10.07 -2.65
C SER B 65 -99.99 -11.45 -3.02
N ALA B 66 -101.30 -11.63 -2.93
CA ALA B 66 -101.90 -12.92 -3.30
C ALA B 66 -101.65 -13.27 -4.77
N SER B 67 -101.77 -12.29 -5.66
CA SER B 67 -101.59 -12.48 -7.08
C SER B 67 -100.15 -12.91 -7.41
N THR B 68 -99.21 -12.29 -6.72
CA THR B 68 -97.79 -12.57 -6.94
C THR B 68 -97.53 -14.02 -6.52
N LEU B 69 -98.01 -14.41 -5.34
CA LEU B 69 -97.80 -15.77 -4.81
C LEU B 69 -98.38 -16.79 -5.79
N ARG B 70 -99.57 -16.51 -6.33
CA ARG B 70 -100.18 -17.42 -7.31
C ARG B 70 -99.30 -17.61 -8.54
N ASP B 71 -98.86 -16.48 -9.10
CA ASP B 71 -98.05 -16.50 -10.31
C ASP B 71 -96.72 -17.24 -10.11
N LYS B 72 -96.07 -16.99 -8.97
CA LYS B 72 -94.79 -17.62 -8.67
C LYS B 72 -94.98 -19.11 -8.42
N TYR B 73 -96.10 -19.47 -7.81
CA TYR B 73 -96.39 -20.87 -7.54
C TYR B 73 -96.51 -21.59 -8.89
N TYR B 74 -97.20 -21.00 -9.86
CA TYR B 74 -97.31 -21.64 -11.17
C TYR B 74 -95.98 -21.69 -11.89
N GLN B 75 -95.18 -20.64 -11.73
CA GLN B 75 -93.89 -20.62 -12.39
C GLN B 75 -92.96 -21.71 -11.84
N VAL B 76 -92.95 -21.91 -10.52
CA VAL B 76 -92.08 -22.91 -9.89
C VAL B 76 -92.65 -24.31 -9.97
N GLN B 77 -93.90 -24.43 -10.39
CA GLN B 77 -94.55 -25.73 -10.50
C GLN B 77 -93.78 -26.69 -11.42
N LYS B 78 -93.25 -26.18 -12.53
CA LYS B 78 -92.52 -26.99 -13.51
C LYS B 78 -91.12 -27.37 -13.05
N PHE B 79 -90.66 -26.74 -11.97
CA PHE B 79 -89.34 -27.04 -11.45
C PHE B 79 -89.44 -27.96 -10.23
N ALA B 80 -88.48 -28.86 -10.12
CA ALA B 80 -88.39 -29.76 -8.98
C ALA B 80 -88.28 -28.95 -7.69
N LYS B 81 -88.83 -29.50 -6.61
CA LYS B 81 -88.89 -28.80 -5.32
C LYS B 81 -87.56 -28.37 -4.67
N PRO B 82 -86.50 -29.19 -4.80
CA PRO B 82 -85.22 -28.72 -4.25
C PRO B 82 -84.64 -27.50 -5.00
N ASP B 83 -85.00 -27.32 -6.26
CA ASP B 83 -84.47 -26.21 -7.05
C ASP B 83 -85.36 -24.97 -7.12
N TRP B 84 -86.48 -25.01 -6.40
CA TRP B 84 -87.41 -23.87 -6.33
C TRP B 84 -86.74 -22.59 -5.81
N ALA B 85 -85.73 -22.75 -4.96
CA ALA B 85 -84.96 -21.62 -4.43
C ALA B 85 -84.21 -20.92 -5.56
N ALA B 86 -83.46 -21.72 -6.31
CA ALA B 86 -82.71 -21.25 -7.47
C ALA B 86 -83.66 -20.62 -8.48
N ALA B 87 -84.90 -21.10 -8.50
CA ALA B 87 -85.93 -20.46 -9.32
C ALA B 87 -86.31 -19.07 -8.80
N LEU B 88 -86.47 -18.94 -7.48
CA LEU B 88 -86.86 -17.68 -6.86
C LEU B 88 -85.80 -16.59 -7.02
N VAL B 89 -84.54 -16.99 -7.00
CA VAL B 89 -83.44 -16.04 -7.19
C VAL B 89 -83.51 -15.31 -8.53
N SER B 102 -68.23 -0.92 -23.92
CA SER B 102 -67.08 -0.03 -23.98
C SER B 102 -66.62 0.16 -25.43
N GLU B 103 -66.94 1.33 -26.00
CA GLU B 103 -66.53 1.65 -27.37
C GLU B 103 -65.74 2.95 -27.39
N PHE B 104 -64.43 2.85 -27.37
CA PHE B 104 -63.57 4.02 -27.36
C PHE B 104 -62.33 3.81 -28.21
N ASP B 105 -61.69 4.92 -28.55
CA ASP B 105 -60.50 4.92 -29.39
C ASP B 105 -59.46 3.93 -28.89
N GLU B 106 -59.20 2.93 -29.71
CA GLU B 106 -58.18 1.93 -29.43
C GLU B 106 -56.82 2.60 -29.31
N ASP B 107 -56.60 3.67 -30.08
CA ASP B 107 -55.33 4.39 -30.06
C ASP B 107 -55.01 4.97 -28.69
N ALA B 108 -56.03 5.48 -28.01
CA ALA B 108 -55.86 6.07 -26.69
C ALA B 108 -55.62 4.98 -25.66
N TRP B 109 -56.39 3.91 -25.77
CA TRP B 109 -56.28 2.79 -24.86
C TRP B 109 -54.86 2.20 -24.95
N GLN B 110 -54.42 1.97 -26.19
CA GLN B 110 -53.09 1.45 -26.48
C GLN B 110 -52.02 2.41 -25.96
N PHE B 111 -52.27 3.71 -26.10
CA PHE B 111 -51.32 4.72 -25.65
C PHE B 111 -51.11 4.57 -24.14
N LEU B 112 -52.22 4.50 -23.41
CA LEU B 112 -52.17 4.37 -21.95
C LEU B 112 -51.45 3.10 -21.51
N ILE B 113 -51.81 1.98 -22.14
CA ILE B 113 -51.19 0.70 -21.79
C ILE B 113 -49.70 0.77 -22.07
N ALA B 114 -49.35 1.39 -23.19
CA ALA B 114 -47.97 1.54 -23.61
C ALA B 114 -47.21 2.30 -22.55
N ASP B 115 -47.85 3.32 -21.98
CA ASP B 115 -47.20 4.11 -20.94
C ASP B 115 -47.05 3.36 -19.61
N TYR B 116 -48.09 2.63 -19.20
CA TYR B 116 -48.03 1.88 -17.95
C TYR B 116 -47.01 0.72 -17.93
N LEU B 117 -46.82 0.06 -19.08
CA LEU B 117 -45.95 -1.11 -19.14
C LEU B 117 -44.47 -0.75 -19.26
N ARG B 118 -44.17 0.55 -19.25
CA ARG B 118 -42.81 1.01 -19.36
C ARG B 118 -42.21 0.89 -17.97
N PRO B 119 -40.89 0.59 -17.87
CA PRO B 119 -40.23 0.47 -16.57
C PRO B 119 -40.34 1.76 -15.76
N GLU B 120 -40.63 2.85 -16.45
CA GLU B 120 -40.86 4.14 -15.82
C GLU B 120 -42.09 3.95 -14.94
N LYS B 121 -43.15 3.41 -15.54
CA LYS B 121 -44.42 3.11 -14.84
C LYS B 121 -44.93 4.36 -14.17
N PRO B 122 -45.34 5.37 -14.95
CA PRO B 122 -45.82 6.59 -14.30
C PRO B 122 -47.06 6.37 -13.46
N ALA B 123 -47.37 7.37 -12.64
CA ALA B 123 -48.51 7.30 -11.75
C ALA B 123 -49.71 7.19 -12.64
N PHE B 124 -50.66 6.37 -12.20
CA PHE B 124 -51.85 6.16 -12.98
C PHE B 124 -52.54 7.51 -13.19
N ARG B 125 -52.64 8.36 -12.15
CA ARG B 125 -53.31 9.66 -12.28
C ARG B 125 -52.65 10.65 -13.26
N LYS B 126 -51.30 10.75 -13.19
CA LYS B 126 -50.58 11.68 -14.06
C LYS B 126 -50.57 11.12 -15.49
N CYS B 127 -50.32 9.81 -15.62
CA CYS B 127 -50.30 9.16 -16.92
C CYS B 127 -51.67 9.38 -17.56
N TYR B 128 -52.73 9.25 -16.76
CA TYR B 128 -54.08 9.46 -17.28
C TYR B 128 -54.33 10.90 -17.70
N GLU B 129 -53.90 11.87 -16.89
CA GLU B 129 -54.10 13.28 -17.24
C GLU B 129 -53.36 13.58 -18.56
N ARG B 130 -52.17 13.02 -18.69
CA ARG B 130 -51.33 13.18 -19.88
C ARG B 130 -52.07 12.57 -21.07
N LEU B 131 -52.69 11.42 -20.81
CA LEU B 131 -53.48 10.72 -21.81
C LEU B 131 -54.65 11.60 -22.25
N GLU B 132 -55.23 12.33 -21.30
CA GLU B 132 -56.32 13.26 -21.58
C GLU B 132 -55.81 14.36 -22.51
N LEU B 133 -54.58 14.83 -22.30
CA LEU B 133 -53.97 15.85 -23.17
C LEU B 133 -53.81 15.30 -24.59
N ALA B 134 -53.33 14.06 -24.70
CA ALA B 134 -53.14 13.44 -26.01
C ALA B 134 -54.50 13.25 -26.68
N ALA B 135 -55.47 12.78 -25.90
CA ALA B 135 -56.85 12.57 -26.34
C ALA B 135 -57.43 13.88 -26.85
N ARG B 136 -57.06 14.98 -26.20
CA ARG B 136 -57.52 16.31 -26.55
C ARG B 136 -56.95 16.63 -27.93
N GLU B 137 -55.65 16.36 -28.10
CA GLU B 137 -54.95 16.62 -29.37
C GLU B 137 -55.50 15.82 -30.56
N HIS B 138 -55.77 14.54 -30.34
CA HIS B 138 -56.27 13.64 -31.39
C HIS B 138 -57.80 13.57 -31.45
N GLY B 139 -58.45 14.17 -30.45
CA GLY B 139 -59.90 14.15 -30.36
C GLY B 139 -60.47 12.80 -29.95
N TRP B 140 -59.69 12.03 -29.19
CA TRP B 140 -60.12 10.71 -28.73
C TRP B 140 -61.15 10.77 -27.58
N SER B 141 -62.12 9.87 -27.59
CA SER B 141 -63.10 9.77 -26.51
C SER B 141 -62.61 8.77 -25.46
N ILE B 142 -62.20 9.27 -24.29
CA ILE B 142 -61.67 8.39 -23.25
C ILE B 142 -62.72 7.88 -22.25
N PRO B 143 -62.53 6.65 -21.74
CA PRO B 143 -63.41 6.08 -20.73
C PRO B 143 -63.12 6.60 -19.32
N SER B 144 -63.99 6.26 -18.38
CA SER B 144 -63.83 6.64 -16.97
C SER B 144 -62.55 6.06 -16.38
N ARG B 145 -61.89 6.82 -15.52
CA ARG B 145 -60.66 6.36 -14.87
C ARG B 145 -60.88 5.02 -14.15
N ALA B 146 -62.04 4.90 -13.50
CA ALA B 146 -62.41 3.69 -12.76
C ALA B 146 -62.49 2.46 -13.67
N THR B 147 -63.07 2.64 -14.86
CA THR B 147 -63.22 1.57 -15.83
C THR B 147 -61.85 1.17 -16.37
N ALA B 148 -61.00 2.16 -16.60
CA ALA B 148 -59.66 1.95 -17.12
C ALA B 148 -58.90 1.09 -16.14
N PHE B 149 -58.85 1.53 -14.88
CA PHE B 149 -58.13 0.79 -13.84
C PHE B 149 -58.74 -0.60 -13.71
N ARG B 150 -60.07 -0.68 -13.78
CA ARG B 150 -60.79 -1.94 -13.70
C ARG B 150 -60.24 -2.94 -14.72
N ARG B 151 -60.14 -2.48 -15.97
CA ARG B 151 -59.65 -3.32 -17.04
C ARG B 151 -58.15 -3.63 -16.84
N ILE B 152 -57.39 -2.71 -16.23
CA ILE B 152 -55.98 -2.95 -15.93
C ILE B 152 -55.90 -4.13 -14.95
N GLN B 153 -56.89 -4.21 -14.07
CA GLN B 153 -56.99 -5.32 -13.13
C GLN B 153 -57.31 -6.57 -13.95
N GLN B 154 -58.16 -6.40 -14.96
CA GLN B 154 -58.60 -7.51 -15.81
C GLN B 154 -57.54 -8.12 -16.71
N LEU B 155 -56.46 -7.38 -16.96
CA LEU B 155 -55.37 -7.89 -17.77
C LEU B 155 -54.75 -9.11 -17.12
N ASP B 156 -53.89 -8.83 -16.14
CA ASP B 156 -53.23 -9.86 -15.34
C ASP B 156 -52.30 -9.27 -14.28
N GLU B 157 -52.04 -10.07 -13.25
CA GLU B 157 -51.08 -9.74 -12.20
C GLU B 157 -49.71 -9.78 -12.83
N ALA B 158 -49.59 -10.69 -13.79
CA ALA B 158 -48.35 -10.93 -14.53
C ALA B 158 -47.89 -9.66 -15.25
N MET B 159 -48.84 -8.82 -15.61
CA MET B 159 -48.53 -7.55 -16.27
C MET B 159 -47.68 -6.63 -15.38
N VAL B 160 -47.96 -6.62 -14.08
CA VAL B 160 -47.21 -5.77 -13.15
C VAL B 160 -45.72 -6.16 -13.10
N VAL B 161 -45.44 -7.46 -13.08
CA VAL B 161 -44.04 -7.89 -13.11
C VAL B 161 -43.52 -7.65 -14.54
N ALA B 162 -44.39 -7.78 -15.53
CA ALA B 162 -44.04 -7.63 -16.95
C ALA B 162 -43.44 -6.26 -17.17
N CYS B 163 -43.99 -5.27 -16.48
CA CYS B 163 -43.54 -3.90 -16.58
C CYS B 163 -42.18 -3.75 -15.88
N ARG B 164 -42.16 -3.93 -14.57
CA ARG B 164 -40.95 -3.77 -13.76
C ARG B 164 -40.01 -4.99 -13.66
N GLU B 165 -40.23 -6.03 -14.46
CA GLU B 165 -39.41 -7.25 -14.40
C GLU B 165 -37.92 -6.99 -14.41
N GLY B 166 -37.23 -7.69 -13.53
CA GLY B 166 -35.78 -7.62 -13.44
C GLY B 166 -35.31 -8.74 -12.56
N GLU B 182 -37.71 -19.68 -3.93
CA GLU B 182 -37.14 -18.56 -4.68
C GLU B 182 -35.97 -19.02 -5.56
N HIS B 183 -35.59 -18.19 -6.52
CA HIS B 183 -34.46 -18.45 -7.40
C HIS B 183 -33.14 -17.92 -6.82
N LEU B 184 -32.12 -18.77 -6.79
CA LEU B 184 -30.80 -18.41 -6.28
C LEU B 184 -29.83 -18.10 -7.43
N ASP B 185 -29.40 -16.84 -7.52
CA ASP B 185 -28.39 -16.42 -8.50
C ASP B 185 -26.97 -16.81 -8.08
N ALA B 186 -26.06 -16.90 -9.04
CA ALA B 186 -24.65 -17.10 -8.73
C ALA B 186 -24.18 -15.84 -8.01
N MET B 187 -23.41 -16.05 -6.92
CA MET B 187 -22.85 -14.98 -6.08
C MET B 187 -23.88 -14.40 -5.09
N GLN B 188 -25.16 -14.76 -5.23
CA GLN B 188 -26.20 -14.26 -4.34
C GLN B 188 -26.10 -14.81 -2.92
N TRP B 189 -25.65 -16.06 -2.79
CA TRP B 189 -25.51 -16.70 -1.49
C TRP B 189 -24.19 -17.44 -1.42
N ILE B 190 -23.30 -17.02 -0.53
CA ILE B 190 -22.02 -17.73 -0.40
C ILE B 190 -21.80 -18.30 1.00
N ASN B 191 -21.20 -19.48 1.07
CA ASN B 191 -20.94 -20.13 2.33
C ASN B 191 -19.45 -20.13 2.69
N GLY B 192 -19.13 -19.75 3.92
CA GLY B 192 -17.75 -19.76 4.38
C GLY B 192 -17.41 -20.98 5.21
N ASP B 193 -16.31 -21.66 4.92
CA ASP B 193 -15.94 -22.84 5.72
C ASP B 193 -14.44 -22.89 5.95
N GLY B 194 -14.02 -23.50 7.06
CA GLY B 194 -12.60 -23.60 7.34
C GLY B 194 -12.09 -25.04 7.22
N TYR B 195 -10.77 -25.17 7.12
CA TYR B 195 -10.16 -26.49 6.99
C TYR B 195 -8.78 -26.51 7.65
N LEU B 196 -8.58 -27.50 8.52
CA LEU B 196 -7.30 -27.72 9.19
C LEU B 196 -6.52 -28.76 8.36
N HIS B 197 -5.34 -28.35 7.87
CA HIS B 197 -4.52 -29.20 7.00
C HIS B 197 -3.78 -30.30 7.75
N ASN B 198 -3.68 -31.45 7.07
CA ASN B 198 -3.07 -32.68 7.56
C ASN B 198 -1.62 -32.83 7.12
N VAL B 199 -1.01 -31.73 6.70
CA VAL B 199 0.34 -31.74 6.14
C VAL B 199 1.16 -30.66 6.82
N PHE B 200 2.41 -31.01 7.15
CA PHE B 200 3.31 -30.09 7.84
C PHE B 200 4.04 -29.20 6.86
N VAL B 201 3.93 -27.89 7.10
CA VAL B 201 4.50 -26.89 6.21
C VAL B 201 5.44 -25.98 7.01
N ARG B 202 6.59 -25.65 6.41
CA ARG B 202 7.53 -24.73 7.03
C ARG B 202 7.15 -23.33 6.55
N TRP B 203 6.61 -22.54 7.46
CA TRP B 203 6.10 -21.21 7.13
C TRP B 203 7.21 -20.17 6.86
N PHE B 204 6.80 -18.96 6.48
CA PHE B 204 7.72 -17.86 6.18
C PHE B 204 8.60 -17.43 7.35
N ASN B 205 8.16 -17.69 8.57
CA ASN B 205 8.94 -17.34 9.76
C ASN B 205 9.85 -18.48 10.24
N GLY B 206 9.89 -19.56 9.47
CA GLY B 206 10.74 -20.70 9.77
C GLY B 206 10.10 -21.82 10.59
N ASP B 207 9.01 -21.50 11.27
CA ASP B 207 8.32 -22.48 12.11
C ASP B 207 7.60 -23.54 11.26
N VAL B 208 7.60 -24.78 11.73
CA VAL B 208 6.90 -25.86 11.05
C VAL B 208 5.54 -26.01 11.70
N ILE B 209 4.48 -25.71 10.93
CA ILE B 209 3.12 -25.77 11.45
C ILE B 209 2.15 -26.46 10.51
N ARG B 210 0.93 -26.68 10.99
CA ARG B 210 -0.15 -27.24 10.18
C ARG B 210 -1.06 -26.07 9.86
N PRO B 211 -1.09 -25.65 8.58
CA PRO B 211 -1.88 -24.50 8.13
C PRO B 211 -3.40 -24.66 8.19
N LYS B 212 -4.10 -23.54 8.32
CA LYS B 212 -5.56 -23.54 8.36
C LYS B 212 -6.01 -22.59 7.28
N THR B 213 -6.88 -23.06 6.39
CA THR B 213 -7.32 -22.21 5.30
C THR B 213 -8.84 -22.00 5.34
N TRP B 214 -9.28 -20.78 5.07
CA TRP B 214 -10.71 -20.45 5.02
C TRP B 214 -11.11 -20.24 3.57
N PHE B 215 -12.23 -20.84 3.16
CA PHE B 215 -12.71 -20.76 1.78
C PHE B 215 -14.12 -20.19 1.70
N TRP B 216 -14.36 -19.44 0.62
CA TRP B 216 -15.68 -18.91 0.31
C TRP B 216 -16.20 -19.64 -0.93
N GLN B 217 -17.39 -20.22 -0.82
CA GLN B 217 -17.99 -20.99 -1.91
C GLN B 217 -19.34 -20.48 -2.39
N ASP B 218 -19.53 -20.43 -3.70
CA ASP B 218 -20.82 -20.06 -4.25
C ASP B 218 -21.73 -21.26 -4.05
N VAL B 219 -22.86 -21.05 -3.38
CA VAL B 219 -23.78 -22.13 -3.07
C VAL B 219 -24.41 -22.79 -4.30
N LYS B 220 -24.82 -21.97 -5.28
CA LYS B 220 -25.45 -22.50 -6.50
C LYS B 220 -24.56 -23.35 -7.41
N THR B 221 -23.41 -22.82 -7.78
CA THR B 221 -22.52 -23.51 -8.74
C THR B 221 -21.44 -24.37 -8.08
N ARG B 222 -21.22 -24.15 -6.79
CA ARG B 222 -20.23 -24.87 -5.97
C ARG B 222 -18.78 -24.50 -6.29
N LYS B 223 -18.60 -23.41 -7.04
CA LYS B 223 -17.27 -22.90 -7.37
C LYS B 223 -16.64 -22.21 -6.17
N ILE B 224 -15.37 -22.52 -5.91
CA ILE B 224 -14.63 -21.84 -4.85
C ILE B 224 -14.18 -20.49 -5.37
N LEU B 225 -14.61 -19.41 -4.71
CA LEU B 225 -14.32 -18.08 -5.21
C LEU B 225 -13.06 -17.42 -4.65
N GLY B 226 -12.60 -17.91 -3.50
CA GLY B 226 -11.43 -17.32 -2.88
C GLY B 226 -10.93 -18.02 -1.63
N TRP B 227 -9.67 -17.79 -1.27
CA TRP B 227 -9.11 -18.39 -0.07
C TRP B 227 -7.91 -17.62 0.47
N ARG B 228 -7.61 -17.88 1.73
CA ARG B 228 -6.44 -17.32 2.40
C ARG B 228 -5.95 -18.35 3.40
N CYS B 229 -4.65 -18.59 3.42
CA CYS B 229 -4.08 -19.60 4.31
C CYS B 229 -3.23 -18.91 5.38
N ASP B 230 -3.18 -19.47 6.58
CA ASP B 230 -2.40 -18.88 7.67
C ASP B 230 -2.02 -19.91 8.73
N VAL B 231 -1.22 -19.49 9.72
CA VAL B 231 -0.76 -20.39 10.78
C VAL B 231 -1.81 -20.85 11.80
N SER B 232 -2.90 -20.09 11.94
CA SER B 232 -3.95 -20.45 12.89
C SER B 232 -5.30 -19.90 12.45
N GLU B 233 -6.35 -20.36 13.10
CA GLU B 233 -7.68 -19.90 12.78
C GLU B 233 -7.93 -18.56 13.45
N ASN B 234 -8.24 -17.56 12.63
CA ASN B 234 -8.55 -16.22 13.09
C ASN B 234 -9.30 -15.46 11.99
N ILE B 235 -9.98 -14.38 12.36
CA ILE B 235 -10.80 -13.57 11.44
C ILE B 235 -10.09 -13.04 10.19
N ASP B 236 -8.79 -12.76 10.29
CA ASP B 236 -8.02 -12.20 9.18
C ASP B 236 -8.12 -12.95 7.85
N SER B 237 -8.05 -14.29 7.88
CA SER B 237 -8.11 -15.09 6.66
C SER B 237 -9.51 -15.03 6.01
N ILE B 238 -10.52 -14.95 6.86
CA ILE B 238 -11.91 -14.86 6.42
C ILE B 238 -12.14 -13.51 5.74
N ARG B 239 -11.77 -12.46 6.46
CA ARG B 239 -11.88 -11.08 6.01
C ARG B 239 -11.15 -10.85 4.69
N LEU B 240 -9.92 -11.33 4.60
CA LEU B 240 -9.12 -11.13 3.40
C LEU B 240 -9.57 -12.01 2.22
N SER B 241 -10.07 -13.22 2.51
CA SER B 241 -10.59 -14.06 1.44
C SER B 241 -11.87 -13.45 0.88
N PHE B 242 -12.63 -12.80 1.77
CA PHE B 242 -13.84 -12.11 1.38
C PHE B 242 -13.46 -10.94 0.49
N MET B 243 -12.41 -10.23 0.90
CA MET B 243 -11.90 -9.11 0.13
C MET B 243 -11.54 -9.59 -1.28
N ASP B 244 -10.88 -10.75 -1.35
CA ASP B 244 -10.52 -11.34 -2.65
C ASP B 244 -11.76 -11.63 -3.49
N VAL B 245 -12.81 -12.14 -2.84
CA VAL B 245 -14.05 -12.49 -3.54
C VAL B 245 -14.79 -11.28 -4.12
N VAL B 246 -14.94 -10.23 -3.30
CA VAL B 246 -15.64 -9.03 -3.76
C VAL B 246 -14.83 -8.17 -4.72
N THR B 247 -13.50 -8.25 -4.62
CA THR B 247 -12.64 -7.52 -5.55
C THR B 247 -12.65 -8.22 -6.90
N ARG B 248 -12.64 -9.55 -6.89
CA ARG B 248 -12.60 -10.29 -8.15
C ARG B 248 -13.95 -10.38 -8.87
N TYR B 249 -15.01 -10.73 -8.13
CA TYR B 249 -16.31 -10.90 -8.75
C TYR B 249 -17.36 -9.80 -8.46
N GLY B 250 -17.05 -8.90 -7.53
CA GLY B 250 -17.97 -7.82 -7.21
C GLY B 250 -19.01 -8.14 -6.15
N ILE B 251 -19.80 -7.13 -5.80
CA ILE B 251 -20.83 -7.26 -4.78
C ILE B 251 -22.23 -7.23 -5.40
N PRO B 252 -22.98 -8.34 -5.28
CA PRO B 252 -24.34 -8.37 -5.83
C PRO B 252 -25.30 -7.47 -5.04
N GLU B 253 -26.40 -7.08 -5.66
CA GLU B 253 -27.38 -6.18 -5.04
C GLU B 253 -28.13 -6.81 -3.87
N ASP B 254 -28.25 -8.13 -3.90
CA ASP B 254 -28.84 -8.89 -2.83
C ASP B 254 -27.76 -9.87 -2.44
N PHE B 255 -27.17 -9.65 -1.28
CA PHE B 255 -26.03 -10.45 -0.88
C PHE B 255 -26.27 -11.18 0.43
N HIS B 256 -26.17 -12.51 0.38
CA HIS B 256 -26.35 -13.35 1.56
C HIS B 256 -25.09 -14.15 1.86
N ILE B 257 -24.68 -14.14 3.13
CA ILE B 257 -23.46 -14.82 3.55
C ILE B 257 -23.78 -15.76 4.69
N THR B 258 -23.28 -16.99 4.61
CA THR B 258 -23.58 -17.94 5.67
C THR B 258 -22.33 -18.56 6.29
N ILE B 259 -22.26 -18.51 7.61
CA ILE B 259 -21.21 -19.18 8.37
C ILE B 259 -21.93 -19.97 9.45
N ASP B 260 -22.06 -21.28 9.24
CA ASP B 260 -22.81 -22.10 10.18
C ASP B 260 -22.06 -22.34 11.50
N ASN B 261 -22.52 -21.67 12.57
CA ASN B 261 -21.94 -21.83 13.91
C ASN B 261 -22.86 -22.66 14.83
N THR B 262 -23.75 -23.45 14.22
CA THR B 262 -24.70 -24.30 14.95
C THR B 262 -24.00 -25.21 15.95
N ARG B 263 -22.97 -25.93 15.50
CA ARG B 263 -22.21 -26.84 16.35
C ARG B 263 -20.91 -26.18 16.85
N GLY B 264 -20.82 -24.86 16.71
CA GLY B 264 -19.64 -24.10 17.12
C GLY B 264 -18.35 -24.53 16.44
N ALA B 265 -18.46 -25.00 15.20
CA ALA B 265 -17.31 -25.44 14.42
C ALA B 265 -16.46 -24.29 13.91
N ALA B 266 -17.09 -23.12 13.78
CA ALA B 266 -16.40 -21.93 13.32
C ALA B 266 -15.93 -21.07 14.49
N ASN B 267 -16.15 -21.57 15.72
CA ASN B 267 -15.79 -20.86 16.96
C ASN B 267 -14.39 -20.25 16.99
N LYS B 268 -13.38 -21.06 16.66
CA LYS B 268 -11.98 -20.61 16.64
C LYS B 268 -11.70 -19.61 15.52
N TRP B 269 -12.48 -19.70 14.44
CA TRP B 269 -12.36 -18.83 13.29
C TRP B 269 -13.01 -17.47 13.61
N LEU B 270 -13.92 -17.48 14.59
CA LEU B 270 -14.68 -16.30 15.00
C LEU B 270 -13.92 -15.50 16.05
N THR B 271 -12.64 -15.82 16.22
CA THR B 271 -11.82 -15.14 17.21
C THR B 271 -10.48 -14.72 16.60
N GLY B 272 -10.20 -13.43 16.67
CA GLY B 272 -8.96 -12.84 16.19
C GLY B 272 -7.77 -13.29 17.02
N GLY B 273 -6.63 -13.53 16.39
CA GLY B 273 -5.47 -13.98 17.13
C GLY B 273 -4.87 -12.84 17.94
N ALA B 274 -3.71 -13.09 18.53
CA ALA B 274 -3.04 -12.07 19.35
C ALA B 274 -2.79 -10.81 18.54
N PRO B 275 -2.97 -9.63 19.15
CA PRO B 275 -2.76 -8.38 18.43
C PRO B 275 -1.33 -8.17 17.93
N ASN B 276 -0.40 -8.99 18.43
CA ASN B 276 1.00 -8.91 18.03
C ASN B 276 1.44 -10.12 17.21
N ARG B 277 0.49 -10.84 16.65
CA ARG B 277 0.78 -12.03 15.83
C ARG B 277 1.60 -11.66 14.58
N TYR B 278 1.62 -10.37 14.28
CA TYR B 278 2.37 -9.80 13.18
C TYR B 278 3.54 -9.01 13.72
N ARG B 279 3.89 -9.25 14.99
CA ARG B 279 4.92 -8.49 15.67
C ARG B 279 4.30 -7.13 15.97
N PHE B 280 4.43 -6.17 15.06
CA PHE B 280 3.83 -4.85 15.28
C PHE B 280 2.34 -4.99 15.58
N LYS B 281 1.85 -4.11 16.43
CA LYS B 281 0.47 -4.18 16.91
C LYS B 281 -0.60 -3.80 15.88
N VAL B 282 -1.64 -4.62 15.84
CA VAL B 282 -2.78 -4.43 14.95
C VAL B 282 -3.98 -3.90 15.74
N LYS B 283 -4.62 -2.85 15.26
CA LYS B 283 -5.78 -2.28 15.94
C LYS B 283 -6.97 -3.25 15.88
N GLU B 284 -7.67 -3.37 17.01
CA GLU B 284 -8.84 -4.21 17.16
C GLU B 284 -10.08 -3.55 16.57
N ASP B 285 -10.82 -4.29 15.76
CA ASP B 285 -12.04 -3.74 15.20
C ASP B 285 -13.22 -4.72 15.27
N ASP B 286 -14.27 -4.47 14.49
CA ASP B 286 -15.47 -5.29 14.54
C ASP B 286 -16.01 -5.59 13.14
N PRO B 287 -15.69 -6.79 12.63
CA PRO B 287 -16.06 -7.31 11.30
C PRO B 287 -17.58 -7.44 10.95
N LYS B 288 -18.44 -7.87 11.88
CA LYS B 288 -19.88 -8.03 11.61
C LYS B 288 -20.43 -6.76 10.94
N GLY B 289 -20.15 -5.62 11.56
CA GLY B 289 -20.56 -4.34 11.04
C GLY B 289 -20.06 -4.09 9.63
N LEU B 290 -18.81 -4.44 9.35
CA LEU B 290 -18.22 -4.29 8.02
C LEU B 290 -18.98 -5.11 6.96
N PHE B 291 -19.32 -6.34 7.31
CA PHE B 291 -20.07 -7.22 6.40
C PHE B 291 -21.43 -6.64 6.11
N LEU B 292 -22.11 -6.23 7.17
CA LEU B 292 -23.42 -5.64 7.06
C LEU B 292 -23.35 -4.37 6.20
N LEU B 293 -22.22 -3.65 6.30
CA LEU B 293 -21.98 -2.40 5.57
C LEU B 293 -21.77 -2.60 4.08
N MET B 294 -21.12 -3.71 3.72
CA MET B 294 -20.88 -4.05 2.32
C MET B 294 -22.19 -4.29 1.54
N GLY B 295 -23.27 -4.46 2.28
CA GLY B 295 -24.58 -4.75 1.71
C GLY B 295 -24.80 -6.26 1.67
N ALA B 296 -24.27 -6.92 2.71
CA ALA B 296 -24.37 -8.36 2.86
C ALA B 296 -25.23 -8.72 4.07
N LYS B 297 -26.17 -9.64 3.86
CA LYS B 297 -27.03 -10.13 4.93
C LYS B 297 -26.41 -11.41 5.50
N MET B 298 -25.95 -11.34 6.76
CA MET B 298 -25.29 -12.46 7.44
C MET B 298 -26.27 -13.45 8.10
N HIS B 299 -25.94 -14.74 8.02
CA HIS B 299 -26.75 -15.80 8.63
C HIS B 299 -25.80 -16.77 9.36
N TRP B 300 -26.21 -17.25 10.53
CA TRP B 300 -25.40 -18.16 11.35
C TRP B 300 -25.92 -19.60 11.41
N THR B 301 -26.88 -19.92 10.55
CA THR B 301 -27.41 -21.28 10.53
C THR B 301 -27.20 -21.91 9.14
N SER B 302 -27.70 -23.13 8.96
CA SER B 302 -27.52 -23.85 7.70
C SER B 302 -28.49 -23.45 6.58
N VAL B 303 -29.44 -22.57 6.89
CA VAL B 303 -30.43 -22.16 5.90
C VAL B 303 -30.72 -20.66 5.96
N VAL B 304 -31.36 -20.15 4.92
CA VAL B 304 -31.74 -18.75 4.88
C VAL B 304 -33.24 -18.69 5.12
N ALA B 305 -33.65 -18.10 6.24
CA ALA B 305 -35.06 -17.98 6.61
C ALA B 305 -35.88 -17.23 5.58
N GLY B 306 -37.04 -17.78 5.21
CA GLY B 306 -37.92 -17.13 4.26
C GLY B 306 -37.60 -17.44 2.81
N LYS B 307 -36.59 -18.28 2.59
CA LYS B 307 -36.18 -18.65 1.24
C LYS B 307 -36.09 -20.15 1.08
N GLY B 308 -36.51 -20.61 -0.10
CA GLY B 308 -36.55 -22.01 -0.46
C GLY B 308 -35.29 -22.41 -1.18
N TRP B 309 -34.16 -21.86 -0.73
CA TRP B 309 -32.87 -22.10 -1.36
C TRP B 309 -32.11 -23.33 -0.85
N GLY B 310 -32.60 -23.99 0.20
CA GLY B 310 -31.89 -25.16 0.69
C GLY B 310 -30.87 -24.83 1.75
N GLN B 311 -29.82 -25.65 1.83
CA GLN B 311 -28.77 -25.47 2.82
C GLN B 311 -27.44 -24.98 2.25
N ALA B 312 -26.66 -24.33 3.10
CA ALA B 312 -25.36 -23.82 2.69
C ALA B 312 -24.36 -24.92 2.32
N LYS B 313 -24.23 -25.94 3.17
CA LYS B 313 -23.27 -27.03 2.95
C LYS B 313 -23.89 -28.17 2.13
N PRO B 314 -23.14 -28.68 1.13
CA PRO B 314 -23.65 -29.76 0.26
C PRO B 314 -23.65 -31.15 0.91
N VAL B 315 -24.58 -32.00 0.48
CA VAL B 315 -24.66 -33.35 1.01
C VAL B 315 -23.53 -34.25 0.50
N GLU B 316 -22.99 -33.93 -0.68
CA GLU B 316 -21.89 -34.70 -1.24
C GLU B 316 -20.57 -34.06 -0.80
N ARG B 317 -19.86 -34.73 0.11
CA ARG B 317 -18.58 -34.24 0.64
C ARG B 317 -17.59 -33.80 -0.46
N ALA B 318 -17.59 -34.53 -1.56
CA ALA B 318 -16.69 -34.25 -2.68
C ALA B 318 -16.96 -32.88 -3.33
N PHE B 319 -18.19 -32.39 -3.16
CA PHE B 319 -18.59 -31.10 -3.74
C PHE B 319 -18.24 -29.94 -2.81
N GLY B 320 -17.73 -30.26 -1.62
CA GLY B 320 -17.36 -29.25 -0.64
C GLY B 320 -15.86 -29.12 -0.41
N VAL B 321 -15.50 -28.41 0.66
CA VAL B 321 -14.11 -28.17 1.03
C VAL B 321 -13.34 -29.49 1.17
N GLY B 322 -14.03 -30.49 1.72
CA GLY B 322 -13.44 -31.80 1.92
C GLY B 322 -12.97 -32.43 0.61
N GLY B 323 -13.61 -32.05 -0.49
CA GLY B 323 -13.23 -32.57 -1.80
C GLY B 323 -11.86 -32.12 -2.26
N LEU B 324 -11.29 -31.12 -1.57
CA LEU B 324 -9.96 -30.63 -1.90
C LEU B 324 -8.80 -31.45 -1.33
N GLU B 325 -9.09 -32.30 -0.36
CA GLU B 325 -8.04 -33.14 0.26
C GLU B 325 -7.41 -34.06 -0.78
N GLU B 326 -8.18 -34.39 -1.81
CA GLU B 326 -7.71 -35.24 -2.89
C GLU B 326 -6.71 -34.47 -3.72
N TYR B 327 -7.02 -33.19 -3.94
CA TYR B 327 -6.17 -32.33 -4.76
C TYR B 327 -5.00 -31.67 -4.02
N VAL B 328 -5.17 -31.42 -2.72
CA VAL B 328 -4.13 -30.74 -1.94
C VAL B 328 -3.33 -31.65 -0.97
N ASP B 329 -3.91 -31.93 0.19
CA ASP B 329 -3.27 -32.74 1.22
C ASP B 329 -2.68 -34.06 0.73
N LYS B 330 -3.34 -34.67 -0.25
CA LYS B 330 -2.91 -35.95 -0.80
C LYS B 330 -2.17 -35.84 -2.14
N HIS B 331 -1.85 -34.63 -2.56
CA HIS B 331 -1.12 -34.39 -3.80
C HIS B 331 0.29 -34.96 -3.64
N PRO B 332 0.79 -35.67 -4.68
CA PRO B 332 2.11 -36.32 -4.69
C PRO B 332 3.26 -35.46 -4.15
N ALA B 333 3.30 -34.17 -4.45
CA ALA B 333 4.39 -33.31 -3.99
C ALA B 333 4.46 -33.10 -2.47
N LEU B 334 3.33 -33.22 -1.78
CA LEU B 334 3.29 -33.05 -0.32
C LEU B 334 3.20 -34.37 0.47
N ALA B 335 3.23 -35.49 -0.25
CA ALA B 335 3.08 -36.81 0.36
C ALA B 335 4.06 -37.13 1.50
N GLY B 336 5.24 -36.53 1.45
CA GLY B 336 6.24 -36.77 2.49
C GLY B 336 5.90 -36.07 3.78
N ALA B 337 5.16 -34.98 3.69
CA ALA B 337 4.80 -34.23 4.89
C ALA B 337 3.38 -34.53 5.35
N TYR B 338 2.65 -35.29 4.55
CA TYR B 338 1.28 -35.63 4.90
C TYR B 338 1.28 -36.57 6.11
N THR B 339 0.49 -36.24 7.12
CA THR B 339 0.40 -37.07 8.33
C THR B 339 -0.88 -37.89 8.42
N GLY B 340 -1.92 -37.48 7.70
CA GLY B 340 -3.20 -38.14 7.77
C GLY B 340 -4.08 -37.50 8.83
N PRO B 341 -5.39 -37.81 8.81
CA PRO B 341 -6.39 -37.26 9.73
C PRO B 341 -6.08 -37.52 11.21
N TYR B 350 9.95 -36.27 10.70
CA TYR B 350 9.11 -35.25 10.09
C TYR B 350 9.76 -33.86 10.02
N GLY B 351 10.65 -33.54 10.96
CA GLY B 351 11.32 -32.24 10.95
C GLY B 351 12.04 -31.94 9.64
N ASP B 352 12.46 -33.01 8.96
CA ASP B 352 13.13 -32.95 7.66
C ASP B 352 12.14 -32.91 6.48
N ARG B 353 11.01 -33.56 6.69
CA ARG B 353 9.96 -33.71 5.67
C ARG B 353 9.04 -32.52 5.43
N ALA B 354 8.82 -31.68 6.44
CA ALA B 354 7.92 -30.52 6.32
C ALA B 354 8.19 -29.75 5.01
N VAL B 355 7.14 -29.52 4.22
CA VAL B 355 7.27 -28.83 2.93
C VAL B 355 7.27 -27.31 3.02
N ASP B 356 7.84 -26.67 2.00
CA ASP B 356 7.95 -25.21 1.95
C ASP B 356 6.59 -24.56 1.78
N ALA B 357 6.42 -23.37 2.36
CA ALA B 357 5.17 -22.63 2.26
C ALA B 357 4.76 -22.35 0.81
N GLU B 358 5.75 -22.00 -0.01
CA GLU B 358 5.52 -21.72 -1.43
C GLU B 358 5.01 -22.93 -2.22
N LEU B 359 5.55 -24.10 -1.89
CA LEU B 359 5.15 -25.35 -2.55
C LEU B 359 3.76 -25.76 -2.10
N PHE B 360 3.51 -25.65 -0.79
CA PHE B 360 2.20 -25.98 -0.24
C PHE B 360 1.11 -25.09 -0.84
N LEU B 361 1.36 -23.77 -0.82
CA LEU B 361 0.40 -22.80 -1.36
C LEU B 361 0.20 -22.90 -2.88
N LYS B 362 1.23 -23.33 -3.60
CA LYS B 362 1.10 -23.51 -5.05
C LYS B 362 0.25 -24.74 -5.30
N THR B 363 0.53 -25.81 -4.54
CA THR B 363 -0.22 -27.04 -4.64
C THR B 363 -1.69 -26.80 -4.26
N LEU B 364 -1.90 -25.92 -3.30
CA LEU B 364 -3.23 -25.53 -2.84
C LEU B 364 -3.97 -24.80 -3.95
N ALA B 365 -3.31 -23.79 -4.56
CA ALA B 365 -3.92 -23.02 -5.63
C ALA B 365 -4.27 -23.89 -6.84
N GLU B 366 -3.38 -24.83 -7.16
CA GLU B 366 -3.60 -25.73 -8.29
C GLU B 366 -4.70 -26.73 -7.95
N GLY B 367 -4.77 -27.14 -6.69
CA GLY B 367 -5.80 -28.05 -6.23
C GLY B 367 -7.18 -27.41 -6.32
N VAL B 368 -7.25 -26.12 -6.01
CA VAL B 368 -8.49 -25.37 -6.10
C VAL B 368 -8.90 -25.23 -7.56
N ALA B 369 -7.93 -24.87 -8.40
CA ALA B 369 -8.17 -24.73 -9.84
C ALA B 369 -8.69 -26.02 -10.47
N MET B 370 -8.09 -27.14 -10.08
CA MET B 370 -8.48 -28.46 -10.57
C MET B 370 -9.83 -28.92 -10.02
N PHE B 371 -10.13 -28.54 -8.78
CA PHE B 371 -11.39 -28.89 -8.16
C PHE B 371 -12.52 -28.17 -8.90
N ASN B 372 -12.29 -26.90 -9.22
CA ASN B 372 -13.29 -26.10 -9.93
C ASN B 372 -13.45 -26.52 -11.39
N ALA B 373 -12.34 -26.83 -12.04
CA ALA B 373 -12.34 -27.20 -13.46
C ALA B 373 -12.80 -28.65 -13.73
N ARG B 374 -12.88 -29.46 -12.67
CA ARG B 374 -13.27 -30.86 -12.80
C ARG B 374 -14.68 -31.07 -13.36
N THR B 375 -14.76 -31.76 -14.49
CA THR B 375 -16.04 -32.04 -15.12
C THR B 375 -16.65 -33.31 -14.52
N GLY B 376 -17.88 -33.61 -14.92
CA GLY B 376 -18.58 -34.80 -14.45
C GLY B 376 -19.18 -34.59 -13.08
N ARG B 377 -19.36 -33.33 -12.70
CA ARG B 377 -19.92 -33.00 -11.41
C ARG B 377 -21.39 -33.38 -11.38
N GLU B 378 -21.81 -34.18 -10.41
CA GLU B 378 -23.22 -34.56 -10.40
C GLU B 378 -24.03 -33.63 -9.51
N THR B 379 -24.53 -32.57 -10.12
CA THR B 379 -25.38 -31.58 -9.48
C THR B 379 -26.47 -31.24 -10.48
N GLU B 380 -27.53 -30.57 -10.03
CA GLU B 380 -28.59 -30.15 -10.95
C GLU B 380 -28.05 -29.23 -12.04
N MET B 381 -27.29 -28.22 -11.61
CA MET B 381 -26.70 -27.23 -12.49
C MET B 381 -25.75 -27.82 -13.54
N CYS B 382 -24.95 -28.79 -13.14
CA CYS B 382 -23.99 -29.41 -14.04
C CYS B 382 -24.58 -30.56 -14.86
N GLY B 383 -25.68 -31.13 -14.35
CA GLY B 383 -26.38 -32.23 -15.01
C GLY B 383 -25.50 -33.41 -15.38
N GLY B 384 -24.53 -33.70 -14.53
CA GLY B 384 -23.58 -34.78 -14.74
C GLY B 384 -22.61 -34.56 -15.90
N LYS B 385 -22.67 -33.38 -16.51
CA LYS B 385 -21.80 -33.08 -17.66
C LYS B 385 -20.79 -31.95 -17.40
N LEU B 386 -21.28 -30.75 -17.05
CA LEU B 386 -20.38 -29.61 -16.86
C LEU B 386 -19.62 -29.59 -15.53
N SER B 387 -18.68 -28.66 -15.43
CA SER B 387 -17.88 -28.47 -14.23
C SER B 387 -18.44 -27.27 -13.49
N PHE B 388 -17.95 -27.05 -12.28
CA PHE B 388 -18.37 -25.92 -11.48
C PHE B 388 -18.05 -24.60 -12.19
N ASP B 389 -16.91 -24.58 -12.89
CA ASP B 389 -16.47 -23.41 -13.63
C ASP B 389 -17.44 -23.05 -14.77
N ASP B 390 -17.87 -24.07 -15.52
CA ASP B 390 -18.80 -23.89 -16.63
C ASP B 390 -20.12 -23.26 -16.17
N VAL B 391 -20.75 -23.89 -15.19
CA VAL B 391 -22.03 -23.42 -14.68
C VAL B 391 -21.90 -22.05 -13.98
N PHE B 392 -20.76 -21.79 -13.35
CA PHE B 392 -20.55 -20.49 -12.72
C PHE B 392 -20.42 -19.40 -13.77
N GLU B 393 -19.66 -19.68 -14.83
CA GLU B 393 -19.47 -18.71 -15.91
C GLU B 393 -20.80 -18.45 -16.60
N ARG B 394 -21.63 -19.48 -16.68
CA ARG B 394 -22.95 -19.36 -17.28
C ARG B 394 -23.95 -18.53 -16.44
N GLU B 395 -24.05 -18.86 -15.15
CA GLU B 395 -24.99 -18.17 -14.27
C GLU B 395 -24.56 -16.77 -13.83
N TYR B 396 -23.27 -16.55 -13.67
CA TYR B 396 -22.77 -15.24 -13.24
C TYR B 396 -23.09 -14.16 -14.26
N ALA B 397 -23.12 -14.53 -15.55
CA ALA B 397 -23.47 -13.59 -16.61
C ALA B 397 -24.96 -13.24 -16.57
N ARG B 398 -25.73 -14.00 -15.79
CA ARG B 398 -27.17 -13.80 -15.66
C ARG B 398 -27.52 -13.12 -14.32
N THR B 399 -26.52 -12.54 -13.66
CA THR B 399 -26.75 -11.90 -12.37
C THR B 399 -26.29 -10.44 -12.45
N ILE B 400 -26.88 -9.59 -11.61
CA ILE B 400 -26.55 -8.18 -11.60
C ILE B 400 -25.68 -7.83 -10.38
N VAL B 401 -24.39 -7.55 -10.63
CA VAL B 401 -23.45 -7.22 -9.57
C VAL B 401 -22.83 -5.83 -9.77
N ARG B 402 -22.30 -5.26 -8.69
CA ARG B 402 -21.64 -3.95 -8.73
C ARG B 402 -20.20 -4.06 -8.24
N LYS B 403 -19.29 -3.29 -8.86
CA LYS B 403 -17.90 -3.31 -8.44
C LYS B 403 -17.65 -2.43 -7.21
N PRO B 404 -16.81 -2.89 -6.28
CA PRO B 404 -16.53 -2.06 -5.10
C PRO B 404 -15.58 -0.89 -5.39
N THR B 405 -15.86 0.27 -4.81
CA THR B 405 -15.01 1.46 -4.96
C THR B 405 -13.75 1.22 -4.13
N GLU B 406 -12.72 2.04 -4.34
CA GLU B 406 -11.47 1.92 -3.59
C GLU B 406 -11.63 2.00 -2.06
N GLU B 407 -12.48 2.90 -1.57
CA GLU B 407 -12.68 3.04 -0.12
C GLU B 407 -13.16 1.72 0.51
N GLN B 408 -14.20 1.12 -0.07
CA GLN B 408 -14.73 -0.18 0.39
C GLN B 408 -13.62 -1.25 0.45
N LYS B 409 -12.91 -1.41 -0.66
CA LYS B 409 -11.79 -2.36 -0.77
C LYS B 409 -10.67 -2.14 0.25
N ARG B 410 -10.35 -0.88 0.52
CA ARG B 410 -9.30 -0.54 1.50
C ARG B 410 -9.75 -0.74 2.96
N MET B 411 -11.04 -0.60 3.22
CA MET B 411 -11.60 -0.76 4.57
C MET B 411 -11.57 -2.21 5.12
N LEU B 412 -11.47 -3.17 4.21
CA LEU B 412 -11.37 -4.58 4.58
C LEU B 412 -9.94 -4.96 4.95
N LEU B 413 -8.99 -4.07 4.66
CA LEU B 413 -7.60 -4.33 5.00
C LEU B 413 -7.43 -4.21 6.49
N LEU B 414 -6.43 -4.90 7.02
CA LEU B 414 -6.21 -4.85 8.45
C LEU B 414 -5.53 -3.54 8.82
N PRO B 415 -5.94 -2.95 9.95
CA PRO B 415 -5.36 -1.71 10.48
C PRO B 415 -4.24 -1.94 11.51
N ALA B 416 -3.09 -1.31 11.28
CA ALA B 416 -1.96 -1.34 12.18
C ALA B 416 -2.02 -0.12 13.09
N GLU B 417 -1.50 -0.24 14.31
CA GLU B 417 -1.49 0.90 15.23
C GLU B 417 -0.63 2.02 14.65
N ALA B 418 -1.00 3.25 15.00
CA ALA B 418 -0.33 4.43 14.48
C ALA B 418 1.19 4.37 14.59
N VAL B 419 1.86 4.69 13.47
CA VAL B 419 3.31 4.71 13.42
C VAL B 419 3.77 6.14 13.18
N ASN B 420 5.00 6.48 13.59
CA ASN B 420 5.48 7.83 13.41
C ASN B 420 6.00 8.07 12.00
N VAL B 421 5.72 9.27 11.49
CA VAL B 421 6.21 9.67 10.17
C VAL B 421 7.28 10.74 10.35
N SER B 422 8.45 10.52 9.75
CA SER B 422 9.54 11.48 9.83
C SER B 422 9.28 12.69 8.93
N ARG B 423 10.19 13.66 8.95
CA ARG B 423 10.06 14.86 8.12
C ARG B 423 10.17 14.50 6.64
N LYS B 424 10.88 13.42 6.35
CA LYS B 424 11.07 12.96 4.97
C LYS B 424 9.82 12.29 4.41
N GLY B 425 8.83 12.04 5.28
CA GLY B 425 7.60 11.39 4.85
C GLY B 425 7.67 9.87 4.77
N GLU B 426 8.44 9.28 5.69
CA GLU B 426 8.64 7.83 5.72
C GLU B 426 8.29 7.31 7.11
N PHE B 427 7.87 6.05 7.17
CA PHE B 427 7.55 5.44 8.46
C PHE B 427 7.96 3.98 8.45
N THR B 428 8.00 3.33 9.60
CA THR B 428 8.48 1.94 9.66
C THR B 428 7.52 0.99 10.33
N LEU B 429 7.52 -0.23 9.83
CA LEU B 429 6.77 -1.35 10.37
C LEU B 429 7.72 -2.51 10.53
N LYS B 430 7.79 -3.06 11.74
CA LYS B 430 8.66 -4.18 12.02
C LYS B 430 7.88 -5.48 11.82
N VAL B 431 8.11 -6.11 10.67
CA VAL B 431 7.43 -7.33 10.31
C VAL B 431 8.02 -8.52 11.05
N GLY B 432 7.17 -9.45 11.49
CA GLY B 432 7.63 -10.63 12.20
C GLY B 432 6.47 -11.54 12.53
N GLY B 433 6.56 -12.26 13.65
CA GLY B 433 5.51 -13.18 14.04
C GLY B 433 5.32 -14.33 13.06
N SER B 434 4.14 -14.41 12.44
CA SER B 434 3.84 -15.46 11.48
C SER B 434 4.42 -15.16 10.09
N LEU B 435 4.86 -13.92 9.90
CA LEU B 435 5.42 -13.49 8.63
C LEU B 435 6.95 -13.50 8.75
N LYS B 436 7.64 -13.59 7.61
CA LYS B 436 9.09 -13.59 7.60
C LYS B 436 9.60 -12.28 8.18
N GLY B 437 10.56 -12.37 9.10
CA GLY B 437 11.10 -11.18 9.72
C GLY B 437 11.75 -10.25 8.72
N ALA B 438 11.51 -8.96 8.92
CA ALA B 438 12.04 -7.89 8.08
C ALA B 438 11.62 -6.57 8.71
N LYS B 439 12.37 -5.52 8.45
CA LYS B 439 12.05 -4.20 8.94
C LYS B 439 11.66 -3.37 7.73
N ASN B 440 10.36 -3.29 7.48
CA ASN B 440 9.86 -2.58 6.31
C ASN B 440 9.76 -1.07 6.53
N VAL B 441 10.24 -0.31 5.56
CA VAL B 441 10.18 1.15 5.60
C VAL B 441 9.34 1.63 4.42
N TYR B 442 8.29 2.39 4.69
CA TYR B 442 7.43 2.89 3.63
C TYR B 442 7.58 4.39 3.46
N TYR B 443 7.21 4.87 2.28
CA TYR B 443 7.39 6.27 1.90
C TYR B 443 6.38 6.80 0.89
N ASN B 444 6.19 8.11 0.93
CA ASN B 444 5.36 8.85 -0.01
C ASN B 444 5.66 10.35 0.14
N LEU B 445 5.38 11.13 -0.91
CA LEU B 445 5.67 12.56 -0.88
C LEU B 445 4.60 13.35 -0.13
N ALA B 446 3.38 12.83 -0.16
CA ALA B 446 2.24 13.48 0.51
C ALA B 446 2.41 13.49 2.03
N LEU B 447 3.25 12.60 2.53
CA LEU B 447 3.49 12.51 3.97
C LEU B 447 4.38 13.66 4.47
N MET B 448 5.33 14.10 3.64
CA MET B 448 6.21 15.21 4.03
C MET B 448 5.62 16.55 3.59
N LEU B 449 4.64 16.49 2.72
CA LEU B 449 4.12 17.68 2.04
C LEU B 449 2.93 18.31 2.75
N ALA B 450 2.41 17.61 3.76
CA ALA B 450 1.33 18.19 4.56
C ALA B 450 1.53 17.91 6.05
N GLY B 451 0.55 18.34 6.85
CA GLY B 451 0.59 18.16 8.28
C GLY B 451 0.34 16.74 8.77
N VAL B 452 1.39 16.10 9.29
CA VAL B 452 1.24 14.79 9.91
C VAL B 452 2.42 14.48 10.82
N LYS B 453 2.11 13.79 11.89
CA LYS B 453 3.06 13.33 12.88
C LYS B 453 2.94 11.81 12.98
N LYS B 454 1.71 11.35 13.16
CA LYS B 454 1.43 9.93 13.29
C LYS B 454 0.45 9.54 12.21
N VAL B 455 0.48 8.27 11.82
CA VAL B 455 -0.37 7.76 10.76
C VAL B 455 -0.73 6.30 11.00
N VAL B 456 -1.97 5.95 10.65
CA VAL B 456 -2.44 4.58 10.77
C VAL B 456 -2.24 3.87 9.44
N VAL B 457 -1.64 2.70 9.48
CA VAL B 457 -1.33 1.98 8.25
C VAL B 457 -2.31 0.85 8.01
N ARG B 458 -2.90 0.81 6.83
CA ARG B 458 -3.82 -0.26 6.47
C ARG B 458 -3.07 -1.17 5.50
N PHE B 459 -3.19 -2.48 5.70
CA PHE B 459 -2.41 -3.40 4.89
C PHE B 459 -3.04 -4.77 4.72
N ASP B 460 -2.50 -5.48 3.75
CA ASP B 460 -2.84 -6.86 3.47
C ASP B 460 -1.52 -7.53 3.77
N PRO B 461 -1.51 -8.50 4.70
CA PRO B 461 -0.29 -9.21 5.07
C PRO B 461 0.47 -9.71 3.83
N GLN B 462 -0.26 -10.16 2.82
CA GLN B 462 0.34 -10.63 1.57
C GLN B 462 0.96 -9.49 0.74
N GLN B 463 0.48 -8.27 0.94
CA GLN B 463 0.99 -7.12 0.18
C GLN B 463 1.87 -6.14 0.96
N LEU B 464 2.28 -6.51 2.17
CA LEU B 464 3.15 -5.66 2.99
C LEU B 464 4.46 -5.30 2.26
N HIS B 465 4.95 -6.19 1.41
CA HIS B 465 6.21 -5.97 0.70
C HIS B 465 6.12 -4.91 -0.40
N SER B 466 4.90 -4.49 -0.73
CA SER B 466 4.72 -3.52 -1.81
C SER B 466 3.91 -2.27 -1.50
N THR B 467 2.61 -2.42 -1.27
CA THR B 467 1.75 -1.24 -1.08
C THR B 467 0.87 -1.24 0.18
N VAL B 468 0.97 -0.16 0.94
CA VAL B 468 0.14 0.01 2.13
C VAL B 468 -0.64 1.32 1.98
N TYR B 469 -1.68 1.52 2.78
CA TYR B 469 -2.46 2.75 2.67
C TYR B 469 -2.50 3.53 3.98
N CYS B 470 -2.10 4.79 3.91
CA CYS B 470 -2.02 5.62 5.10
C CYS B 470 -3.29 6.41 5.38
N TYR B 471 -3.69 6.40 6.64
CA TYR B 471 -4.88 7.11 7.08
C TYR B 471 -4.49 7.99 8.24
N THR B 472 -5.21 9.09 8.41
CA THR B 472 -4.97 9.98 9.52
C THR B 472 -5.54 9.28 10.74
N LEU B 473 -5.14 9.73 11.93
CA LEU B 473 -5.64 9.16 13.17
C LEU B 473 -7.18 9.21 13.32
N ASP B 474 -7.82 10.14 12.62
CA ASP B 474 -9.30 10.22 12.66
C ASP B 474 -9.94 9.43 11.51
N GLY B 475 -9.12 8.71 10.76
CA GLY B 475 -9.61 7.87 9.68
C GLY B 475 -9.56 8.39 8.24
N ARG B 476 -9.06 9.59 8.01
CA ARG B 476 -9.01 10.11 6.64
C ARG B 476 -7.86 9.53 5.82
N PHE B 477 -8.17 8.97 4.66
CA PHE B 477 -7.16 8.41 3.77
C PHE B 477 -6.30 9.59 3.32
N ILE B 478 -4.99 9.41 3.35
CA ILE B 478 -4.08 10.46 2.92
C ILE B 478 -3.57 10.08 1.53
N CYS B 479 -2.96 8.91 1.44
CA CYS B 479 -2.37 8.40 0.20
C CYS B 479 -1.88 7.00 0.49
N GLU B 480 -1.27 6.35 -0.49
CA GLU B 480 -0.70 5.02 -0.27
C GLU B 480 0.81 5.14 -0.30
N ALA B 481 1.49 4.21 0.38
CA ALA B 481 2.94 4.23 0.42
C ALA B 481 3.54 2.92 -0.07
N GLU B 482 4.68 3.06 -0.74
CA GLU B 482 5.41 1.94 -1.34
C GLU B 482 6.59 1.57 -0.45
N CYS B 483 6.86 0.28 -0.34
CA CYS B 483 8.00 -0.19 0.44
C CYS B 483 9.25 0.15 -0.37
N LEU B 484 10.17 0.91 0.22
CA LEU B 484 11.41 1.30 -0.46
C LEU B 484 12.37 0.14 -0.73
N ALA B 492 25.27 -3.42 -12.44
CA ALA B 492 24.08 -3.27 -13.28
C ALA B 492 22.94 -2.63 -12.50
N ALA B 493 22.82 -3.00 -11.23
CA ALA B 493 21.78 -2.46 -10.36
C ALA B 493 22.07 -1.02 -9.95
N ALA B 494 23.27 -0.79 -9.45
CA ALA B 494 23.66 0.52 -8.93
C ALA B 494 23.52 1.63 -9.98
N GLY B 495 23.69 1.26 -11.25
CA GLY B 495 23.61 2.21 -12.36
C GLY B 495 22.21 2.58 -12.82
N ARG B 496 21.30 1.60 -12.90
CA ARG B 496 19.92 1.88 -13.26
C ARG B 496 19.23 2.59 -12.10
N GLU B 497 19.57 2.16 -10.88
CA GLU B 497 19.12 2.84 -9.67
C GLU B 497 19.66 4.25 -9.67
N TYR B 498 20.84 4.42 -10.22
CA TYR B 498 21.44 5.73 -10.39
C TYR B 498 20.64 6.59 -11.39
N ARG B 499 20.18 5.97 -12.47
CA ARG B 499 19.34 6.63 -13.49
C ARG B 499 18.05 7.16 -12.89
N ARG B 500 17.40 6.31 -12.10
CA ARG B 500 16.19 6.71 -11.39
C ARG B 500 16.51 7.76 -10.32
N ARG B 501 17.70 7.68 -9.75
CA ARG B 501 18.16 8.65 -8.75
C ARG B 501 18.17 10.06 -9.33
N GLN B 502 18.95 10.25 -10.40
CA GLN B 502 19.05 11.56 -11.04
C GLN B 502 17.70 12.00 -11.64
N LYS B 503 17.00 11.07 -12.30
CA LYS B 503 15.67 11.33 -12.85
C LYS B 503 14.74 11.89 -11.79
N GLN B 504 14.87 11.40 -10.56
CA GLN B 504 14.06 11.88 -9.45
C GLN B 504 14.66 13.14 -8.78
N LEU B 505 15.93 13.44 -9.06
CA LEU B 505 16.57 14.68 -8.55
C LEU B 505 16.11 15.90 -9.31
N LYS B 506 16.04 15.73 -10.62
CA LYS B 506 15.66 16.83 -11.51
C LYS B 506 14.21 17.27 -11.32
N SER B 507 13.30 16.33 -11.07
CA SER B 507 11.89 16.69 -10.87
C SER B 507 11.70 17.40 -9.54
N ALA B 508 12.60 17.14 -8.60
CA ALA B 508 12.56 17.77 -7.27
C ALA B 508 13.08 19.19 -7.36
N THR B 509 14.08 19.39 -8.22
CA THR B 509 14.56 20.73 -8.49
C THR B 509 13.56 21.50 -9.39
N LYS B 510 12.71 20.75 -10.10
CA LYS B 510 11.67 21.33 -10.95
C LYS B 510 10.50 21.87 -10.16
N ALA B 511 10.00 21.07 -9.22
CA ALA B 511 8.88 21.47 -8.39
C ALA B 511 9.33 22.52 -7.38
N ALA B 512 10.65 22.65 -7.22
CA ALA B 512 11.20 23.68 -6.35
C ALA B 512 10.97 25.08 -6.94
N ILE B 513 11.34 25.29 -8.21
CA ILE B 513 11.18 26.57 -8.89
C ILE B 513 9.69 26.91 -9.13
N LYS B 514 8.87 25.87 -9.31
CA LYS B 514 7.43 26.06 -9.51
C LYS B 514 6.78 26.67 -8.27
N ALA B 515 6.98 26.03 -7.12
CA ALA B 515 6.43 26.51 -5.86
C ALA B 515 7.09 27.82 -5.42
N GLN B 516 8.22 28.15 -6.03
CA GLN B 516 8.91 29.40 -5.74
C GLN B 516 8.20 30.58 -6.40
N LYS B 517 8.25 30.65 -7.73
CA LYS B 517 7.76 31.82 -8.49
C LYS B 517 6.32 32.29 -8.16
N GLN B 518 5.45 31.35 -7.78
CA GLN B 518 4.07 31.68 -7.43
C GLN B 518 3.99 32.54 -6.16
N MET B 519 4.75 32.16 -5.14
CA MET B 519 4.82 32.88 -3.87
C MET B 519 6.01 33.85 -3.80
N ASP B 520 6.68 34.04 -4.93
CA ASP B 520 7.86 34.91 -5.06
C ASP B 520 7.68 35.93 -6.18
N ALA B 521 8.78 36.52 -6.63
CA ALA B 521 8.76 37.75 -7.43
C ALA B 521 8.18 38.89 -6.60
N LEU B 522 7.00 39.37 -6.96
CA LEU B 522 6.45 40.62 -6.40
C LEU B 522 6.66 40.78 -4.88
N GLU B 523 6.50 39.67 -4.15
CA GLU B 523 6.78 39.64 -2.72
C GLU B 523 8.22 40.01 -2.41
N VAL B 524 9.15 39.35 -3.08
CA VAL B 524 10.58 39.62 -2.94
C VAL B 524 10.94 41.03 -3.41
N ALA B 525 10.16 41.56 -4.34
CA ALA B 525 10.38 42.91 -4.80
C ALA B 525 9.94 43.93 -3.76
N GLU B 526 8.96 43.56 -2.94
CA GLU B 526 8.49 44.46 -1.88
C GLU B 526 9.35 44.43 -0.60
N LEU B 527 10.19 43.41 -0.46
CA LEU B 527 10.92 43.18 0.78
C LEU B 527 12.10 44.11 0.97
N LEU B 528 12.54 44.72 -0.13
CA LEU B 528 13.84 45.38 -0.19
C LEU B 528 14.24 46.23 1.06
N PRO B 529 13.29 46.99 1.65
CA PRO B 529 13.64 47.63 2.92
C PRO B 529 13.28 46.76 4.13
#